data_8GIH
#
_entry.id   8GIH
#
_cell.length_a   151.780
_cell.length_b   87.570
_cell.length_c   103.260
_cell.angle_alpha   90.00
_cell.angle_beta   103.48
_cell.angle_gamma   90.00
#
_symmetry.space_group_name_H-M   'C 1 2 1'
#
loop_
_entity.id
_entity.type
_entity.pdbx_description
1 polymer 'Capsid protein'
2 non-polymer 'CHLORIDE ION'
3 non-polymer "(6S,8R)-N-(3-bromo-4-fluorophenyl)-8-fluoro-10-methyl-11-oxo-1,3,4,7,8,9,10,11-octahydro-2H-pyrido[4',3':3,4]pyrazolo[1,5-a][1,4]diazepine-2-carboxamide"
4 water water
#
_entity_poly.entity_id   1
_entity_poly.type   'polypeptide(L)'
_entity_poly.pdbx_seq_one_letter_code
;MGSMDIDPYKEFGATVELLSFLPSDFFPSVRDLLDTAAALYRDALESPEHCSPHHTALRQAILCWGDLMTLATWVGTNLE
DPASRDLVVSYVNTNVGLKFRQLLWFHISCLTFGRETVLEYLVSFGVWIRTPPAARPPNAPILSTLPETTVVKLENLYFQ
;
_entity_poly.pdbx_strand_id   A,B,C,D,E,F
#
# COMPACT_ATOMS: atom_id res chain seq x y z
N SER A 3 -5.16 -5.21 -10.04
CA SER A 3 -3.97 -5.30 -10.86
C SER A 3 -2.72 -5.57 -10.02
N MET A 4 -1.66 -5.97 -10.71
CA MET A 4 -0.40 -6.30 -10.09
C MET A 4 0.46 -5.04 -9.94
N ASP A 5 1.55 -5.17 -9.20
CA ASP A 5 2.50 -4.08 -9.01
C ASP A 5 3.91 -4.69 -9.12
N ILE A 6 4.44 -4.69 -10.34
CA ILE A 6 5.72 -5.30 -10.64
C ILE A 6 6.76 -4.21 -10.80
N ASP A 7 7.90 -4.37 -10.14
CA ASP A 7 9.01 -3.44 -10.26
C ASP A 7 10.11 -4.07 -11.12
N PRO A 8 10.46 -3.51 -12.27
CA PRO A 8 11.52 -4.12 -13.10
C PRO A 8 12.86 -4.23 -12.40
N TYR A 9 13.14 -3.37 -11.41
CA TYR A 9 14.44 -3.37 -10.74
C TYR A 9 14.46 -4.20 -9.47
N LYS A 10 13.31 -4.71 -9.03
CA LYS A 10 13.25 -5.34 -7.72
C LYS A 10 14.07 -6.63 -7.67
N GLU A 11 13.95 -7.48 -8.70
CA GLU A 11 14.77 -8.69 -8.72
C GLU A 11 16.25 -8.37 -8.93
N PHE A 12 16.58 -7.17 -9.40
CA PHE A 12 17.97 -6.78 -9.58
C PHE A 12 18.50 -5.90 -8.45
N GLY A 13 17.78 -5.81 -7.34
CA GLY A 13 18.31 -5.12 -6.17
C GLY A 13 18.24 -3.61 -6.19
N ALA A 14 17.31 -3.05 -6.94
CA ALA A 14 17.09 -1.61 -6.97
C ALA A 14 15.59 -1.36 -7.09
N THR A 15 15.22 -0.11 -7.33
CA THR A 15 13.82 0.26 -7.41
C THR A 15 13.67 1.37 -8.45
N VAL A 16 12.41 1.59 -8.85
CA VAL A 16 12.09 2.69 -9.75
C VAL A 16 12.45 4.02 -9.10
N GLU A 17 12.12 4.19 -7.82
CA GLU A 17 12.43 5.44 -7.13
C GLU A 17 13.93 5.69 -7.12
N LEU A 18 14.73 4.63 -6.99
CA LEU A 18 16.18 4.77 -6.93
C LEU A 18 16.78 5.18 -8.28
N LEU A 19 16.30 4.59 -9.38
CA LEU A 19 16.77 5.00 -10.70
C LEU A 19 16.38 6.44 -11.02
N SER A 20 15.23 6.89 -10.51
CA SER A 20 14.76 8.25 -10.79
C SER A 20 15.49 9.28 -9.95
N PHE A 21 16.34 8.84 -9.02
CA PHE A 21 17.21 9.76 -8.30
C PHE A 21 18.20 10.44 -9.24
N LEU A 22 18.49 9.82 -10.38
CA LEU A 22 19.31 10.41 -11.44
C LEU A 22 18.45 11.32 -12.32
N PRO A 23 18.91 12.53 -12.62
CA PRO A 23 18.11 13.44 -13.44
C PRO A 23 17.95 12.93 -14.86
N SER A 24 16.94 13.46 -15.55
CA SER A 24 16.60 12.97 -16.88
C SER A 24 17.74 13.18 -17.85
N ASP A 25 18.48 14.29 -17.69
CA ASP A 25 19.60 14.59 -18.57
C ASP A 25 20.86 13.82 -18.18
N PHE A 26 20.81 12.91 -17.22
CA PHE A 26 21.97 12.08 -16.97
C PHE A 26 22.09 10.97 -18.02
N PHE A 27 20.95 10.39 -18.41
CA PHE A 27 20.92 9.18 -19.22
C PHE A 27 21.20 9.49 -20.69
N PRO A 28 22.01 8.66 -21.35
CA PRO A 28 22.18 8.77 -22.81
C PRO A 28 20.86 8.56 -23.54
N SER A 29 20.89 8.80 -24.85
CA SER A 29 19.70 8.58 -25.66
C SER A 29 19.38 7.09 -25.77
N VAL A 30 18.14 6.79 -26.14
CA VAL A 30 17.77 5.39 -26.37
C VAL A 30 18.61 4.83 -27.50
N ARG A 31 18.82 5.61 -28.58
CA ARG A 31 19.63 5.15 -29.70
C ARG A 31 21.04 4.81 -29.24
N ASP A 32 21.67 5.70 -28.47
CA ASP A 32 23.05 5.46 -28.09
C ASP A 32 23.17 4.30 -27.12
N LEU A 33 22.11 4.05 -26.32
CA LEU A 33 22.11 2.88 -25.44
C LEU A 33 21.90 1.60 -26.23
N LEU A 34 21.00 1.60 -27.22
CA LEU A 34 20.85 0.41 -28.06
C LEU A 34 22.13 0.11 -28.82
N ASP A 35 22.79 1.13 -29.37
CA ASP A 35 24.05 0.92 -30.10
C ASP A 35 25.14 0.36 -29.20
N THR A 36 25.12 0.71 -27.91
CA THR A 36 26.12 0.22 -26.97
C THR A 36 25.83 -1.21 -26.53
N ALA A 37 24.56 -1.54 -26.28
CA ALA A 37 24.21 -2.94 -26.06
C ALA A 37 24.68 -3.79 -27.24
N ALA A 38 24.42 -3.32 -28.45
CA ALA A 38 24.88 -4.03 -29.64
C ALA A 38 26.40 -4.15 -29.66
N ALA A 39 27.11 -3.02 -29.49
CA ALA A 39 28.56 -3.03 -29.60
C ALA A 39 29.22 -3.92 -28.56
N LEU A 40 28.63 -4.02 -27.37
CA LEU A 40 29.23 -4.76 -26.26
C LEU A 40 28.71 -6.19 -26.11
N TYR A 41 27.43 -6.45 -26.40
CA TYR A 41 26.80 -7.69 -25.97
C TYR A 41 25.98 -8.39 -27.06
N ARG A 42 26.12 -8.02 -28.33
CA ARG A 42 25.25 -8.55 -29.38
CA ARG A 42 25.23 -8.55 -29.36
C ARG A 42 25.27 -10.08 -29.40
N ASP A 43 26.47 -10.67 -29.43
CA ASP A 43 26.57 -12.12 -29.53
C ASP A 43 25.78 -12.81 -28.43
N ALA A 44 25.84 -12.26 -27.21
CA ALA A 44 25.11 -12.85 -26.10
C ALA A 44 23.62 -12.51 -26.18
N LEU A 45 23.28 -11.27 -26.51
CA LEU A 45 21.88 -10.88 -26.63
C LEU A 45 21.14 -11.74 -27.65
N GLU A 46 21.81 -12.13 -28.72
CA GLU A 46 21.22 -12.97 -29.76
C GLU A 46 21.44 -14.45 -29.52
N SER A 47 22.12 -14.81 -28.44
CA SER A 47 22.49 -16.19 -28.18
C SER A 47 21.27 -17.02 -27.77
N PRO A 48 21.32 -18.34 -27.98
CA PRO A 48 20.26 -19.22 -27.44
C PRO A 48 20.42 -19.54 -25.96
N GLU A 49 21.50 -19.10 -25.32
CA GLU A 49 21.67 -19.30 -23.88
C GLU A 49 21.05 -18.13 -23.11
N HIS A 50 20.57 -18.44 -21.89
CA HIS A 50 20.02 -17.39 -21.03
C HIS A 50 21.09 -16.36 -20.69
N CYS A 51 22.30 -16.81 -20.37
CA CYS A 51 23.46 -16.02 -19.96
C CYS A 51 23.32 -15.50 -18.54
N SER A 52 22.32 -14.66 -18.29
CA SER A 52 22.13 -14.05 -16.98
C SER A 52 20.76 -13.38 -16.96
N PRO A 53 20.20 -13.16 -15.77
CA PRO A 53 18.92 -12.43 -15.71
C PRO A 53 18.99 -11.03 -16.29
N HIS A 54 20.14 -10.36 -16.20
CA HIS A 54 20.29 -9.07 -16.86
C HIS A 54 20.14 -9.22 -18.38
N HIS A 55 20.77 -10.24 -18.96
CA HIS A 55 20.59 -10.50 -20.38
C HIS A 55 19.12 -10.75 -20.72
N THR A 56 18.43 -11.58 -19.94
CA THR A 56 17.03 -11.88 -20.23
C THR A 56 16.19 -10.61 -20.22
N ALA A 57 16.38 -9.76 -19.19
CA ALA A 57 15.65 -8.50 -19.09
C ALA A 57 16.06 -7.52 -20.18
N LEU A 58 17.36 -7.39 -20.44
CA LEU A 58 17.82 -6.47 -21.46
C LEU A 58 17.23 -6.81 -22.82
N ARG A 59 17.17 -8.11 -23.16
CA ARG A 59 16.55 -8.54 -24.42
C ARG A 59 15.13 -8.00 -24.55
N GLN A 60 14.31 -8.16 -23.50
CA GLN A 60 12.92 -7.76 -23.61
C GLN A 60 12.77 -6.26 -23.74
N ALA A 61 13.62 -5.50 -23.04
CA ALA A 61 13.54 -4.04 -23.10
C ALA A 61 13.85 -3.56 -24.53
N ILE A 62 14.91 -4.10 -25.12
CA ILE A 62 15.23 -3.80 -26.51
C ILE A 62 14.02 -4.11 -27.39
N LEU A 63 13.48 -5.32 -27.22
CA LEU A 63 12.33 -5.73 -28.00
C LEU A 63 11.13 -4.83 -27.75
N CYS A 64 10.85 -4.53 -26.46
CA CYS A 64 9.71 -3.67 -26.12
C CYS A 64 9.84 -2.29 -26.74
N TRP A 65 11.02 -1.66 -26.62
CA TRP A 65 11.25 -0.38 -27.27
C TRP A 65 11.00 -0.48 -28.78
N GLY A 66 11.34 -1.62 -29.38
CA GLY A 66 10.98 -1.85 -30.78
C GLY A 66 9.48 -1.80 -30.99
N ASP A 67 8.72 -2.48 -30.12
CA ASP A 67 7.27 -2.47 -30.24
C ASP A 67 6.72 -1.04 -30.13
N LEU A 68 7.21 -0.27 -29.16
CA LEU A 68 6.77 1.10 -29.03
C LEU A 68 7.16 1.91 -30.26
N MET A 69 8.33 1.63 -30.84
CA MET A 69 8.76 2.36 -32.02
C MET A 69 7.88 2.03 -33.23
N THR A 70 7.58 0.75 -33.44
CA THR A 70 6.73 0.35 -34.56
C THR A 70 5.37 1.03 -34.49
N LEU A 71 4.82 1.19 -33.28
CA LEU A 71 3.51 1.81 -33.13
C LEU A 71 3.56 3.29 -33.47
N ALA A 72 4.60 3.98 -32.99
CA ALA A 72 4.75 5.41 -33.29
C ALA A 72 4.97 5.63 -34.77
N THR A 73 5.72 4.73 -35.42
CA THR A 73 5.97 4.88 -36.86
C THR A 73 4.74 4.52 -37.65
N TRP A 74 3.96 3.53 -37.18
CA TRP A 74 2.67 3.25 -37.81
C TRP A 74 1.70 4.40 -37.59
N VAL A 75 1.74 5.04 -36.43
CA VAL A 75 0.88 6.19 -36.18
C VAL A 75 1.25 7.35 -37.10
N GLY A 76 2.55 7.61 -37.25
CA GLY A 76 2.96 8.70 -38.12
C GLY A 76 2.50 8.51 -39.56
N THR A 77 2.76 7.32 -40.11
CA THR A 77 2.39 7.07 -41.50
C THR A 77 0.88 7.04 -41.70
N ASN A 78 0.12 6.69 -40.67
CA ASN A 78 -1.32 6.47 -40.82
C ASN A 78 -2.18 7.53 -40.12
N LEU A 79 -1.58 8.61 -39.62
CA LEU A 79 -2.33 9.69 -39.00
C LEU A 79 -2.46 10.85 -39.99
N GLU A 80 -3.71 11.15 -40.38
CA GLU A 80 -3.96 12.24 -41.32
C GLU A 80 -3.62 13.60 -40.70
N ASP A 81 -3.90 13.77 -39.39
CA ASP A 81 -3.58 15.00 -38.69
C ASP A 81 -2.07 15.23 -38.75
N PRO A 82 -1.61 16.21 -39.54
CA PRO A 82 -0.16 16.36 -39.77
C PRO A 82 0.58 16.96 -38.59
N ALA A 83 0.20 18.18 -38.20
CA ALA A 83 0.90 18.87 -37.11
C ALA A 83 0.77 18.14 -35.78
N SER A 84 -0.25 17.30 -35.61
CA SER A 84 -0.41 16.54 -34.38
C SER A 84 0.64 15.44 -34.23
N ARG A 85 1.29 15.02 -35.33
CA ARG A 85 2.31 14.00 -35.24
C ARG A 85 3.52 14.47 -34.44
N ASP A 86 3.83 15.77 -34.50
CA ASP A 86 4.93 16.30 -33.69
C ASP A 86 4.62 16.15 -32.20
N LEU A 87 3.38 16.41 -31.78
CA LEU A 87 3.00 16.20 -30.39
C LEU A 87 2.93 14.73 -30.03
N VAL A 88 2.53 13.87 -30.97
CA VAL A 88 2.43 12.44 -30.70
C VAL A 88 3.80 11.81 -30.60
N VAL A 89 4.75 12.25 -31.43
CA VAL A 89 6.11 11.74 -31.33
C VAL A 89 6.77 12.23 -30.05
N SER A 90 6.43 13.44 -29.62
CA SER A 90 7.00 13.99 -28.38
C SER A 90 6.66 13.13 -27.17
N TYR A 91 5.44 12.57 -27.14
CA TYR A 91 5.04 11.77 -25.99
C TYR A 91 6.00 10.64 -25.73
N VAL A 92 6.46 9.96 -26.79
CA VAL A 92 7.37 8.84 -26.60
C VAL A 92 8.71 9.33 -26.03
N ASN A 93 9.28 10.37 -26.62
CA ASN A 93 10.57 10.86 -26.14
C ASN A 93 10.45 11.49 -24.76
N THR A 94 9.31 12.10 -24.44
CA THR A 94 9.18 12.77 -23.16
C THR A 94 8.90 11.76 -22.04
N ASN A 95 7.86 10.94 -22.19
CA ASN A 95 7.42 10.04 -21.11
C ASN A 95 8.06 8.66 -21.15
N VAL A 96 7.73 7.86 -22.16
CA VAL A 96 8.20 6.47 -22.24
C VAL A 96 9.71 6.41 -22.47
N GLY A 97 10.26 7.37 -23.20
CA GLY A 97 11.69 7.35 -23.51
C GLY A 97 12.55 7.34 -22.25
N LEU A 98 12.21 8.21 -21.29
CA LEU A 98 12.98 8.24 -20.04
C LEU A 98 12.93 6.90 -19.34
N LYS A 99 11.75 6.25 -19.32
CA LYS A 99 11.60 4.97 -18.64
C LYS A 99 12.61 3.96 -19.17
N PHE A 100 12.75 3.87 -20.50
CA PHE A 100 13.67 2.92 -21.12
C PHE A 100 15.12 3.40 -21.11
N ARG A 101 15.36 4.71 -21.04
CA ARG A 101 16.72 5.18 -20.88
C ARG A 101 17.29 4.77 -19.52
N GLN A 102 16.46 4.80 -18.48
CA GLN A 102 16.89 4.33 -17.16
C GLN A 102 17.14 2.83 -17.19
N LEU A 103 16.20 2.08 -17.76
CA LEU A 103 16.26 0.63 -17.78
C LEU A 103 17.43 0.13 -18.60
N LEU A 104 17.58 0.63 -19.84
CA LEU A 104 18.70 0.21 -20.68
C LEU A 104 20.03 0.58 -20.05
N TRP A 105 20.11 1.78 -19.44
CA TRP A 105 21.35 2.17 -18.77
C TRP A 105 21.63 1.29 -17.57
N PHE A 106 20.61 0.98 -16.78
CA PHE A 106 20.81 0.14 -15.61
C PHE A 106 21.39 -1.22 -16.02
N HIS A 107 20.76 -1.88 -16.99
CA HIS A 107 21.16 -3.24 -17.34
C HIS A 107 22.50 -3.28 -18.06
N ILE A 108 22.74 -2.34 -18.98
CA ILE A 108 24.04 -2.30 -19.64
C ILE A 108 25.15 -2.02 -18.64
N SER A 109 24.93 -1.05 -17.74
CA SER A 109 25.97 -0.72 -16.75
C SER A 109 26.20 -1.84 -15.74
N CYS A 110 25.12 -2.46 -15.26
CA CYS A 110 25.29 -3.56 -14.29
C CYS A 110 26.10 -4.70 -14.90
N LEU A 111 25.83 -5.05 -16.15
CA LEU A 111 26.59 -6.11 -16.81
C LEU A 111 28.07 -5.77 -16.90
N THR A 112 28.41 -4.49 -17.13
CA THR A 112 29.79 -4.09 -17.31
C THR A 112 30.54 -3.97 -15.98
N PHE A 113 29.93 -3.32 -14.99
CA PHE A 113 30.63 -2.91 -13.78
C PHE A 113 30.19 -3.64 -12.52
N GLY A 114 29.08 -4.35 -12.55
CA GLY A 114 28.60 -5.01 -11.35
C GLY A 114 27.52 -4.18 -10.67
N ARG A 115 26.59 -4.88 -9.99
CA ARG A 115 25.43 -4.17 -9.46
C ARG A 115 25.84 -3.22 -8.35
N GLU A 116 26.70 -3.67 -7.43
CA GLU A 116 27.14 -2.84 -6.33
C GLU A 116 27.78 -1.55 -6.83
N THR A 117 28.73 -1.67 -7.76
CA THR A 117 29.41 -0.51 -8.31
C THR A 117 28.42 0.46 -8.95
N VAL A 118 27.42 -0.08 -9.64
CA VAL A 118 26.42 0.77 -10.28
C VAL A 118 25.59 1.51 -9.23
N LEU A 119 25.25 0.84 -8.14
CA LEU A 119 24.34 1.44 -7.18
C LEU A 119 25.05 2.52 -6.37
N GLU A 120 26.29 2.25 -5.93
CA GLU A 120 27.07 3.26 -5.24
C GLU A 120 27.29 4.49 -6.12
N TYR A 121 27.65 4.27 -7.40
CA TYR A 121 27.85 5.39 -8.32
C TYR A 121 26.58 6.22 -8.48
N LEU A 122 25.43 5.55 -8.49
CA LEU A 122 24.17 6.24 -8.75
C LEU A 122 23.88 7.23 -7.63
N VAL A 123 24.15 6.84 -6.38
CA VAL A 123 23.86 7.69 -5.23
C VAL A 123 24.87 8.84 -5.13
N SER A 124 26.16 8.57 -5.37
CA SER A 124 27.16 9.63 -5.35
C SER A 124 26.82 10.71 -6.37
N PHE A 125 26.46 10.29 -7.58
CA PHE A 125 26.10 11.26 -8.61
C PHE A 125 24.82 12.01 -8.21
N GLY A 126 23.85 11.30 -7.63
CA GLY A 126 22.61 11.95 -7.27
C GLY A 126 22.83 13.01 -6.22
N VAL A 127 23.72 12.74 -5.27
CA VAL A 127 24.11 13.71 -4.27
C VAL A 127 24.93 14.84 -4.89
N TRP A 128 25.88 14.50 -5.77
CA TRP A 128 26.78 15.50 -6.35
C TRP A 128 26.01 16.51 -7.21
N ILE A 129 25.14 16.01 -8.09
CA ILE A 129 24.44 16.90 -9.02
C ILE A 129 23.48 17.81 -8.29
N ARG A 130 23.08 17.43 -7.08
CA ARG A 130 22.17 18.23 -6.27
C ARG A 130 22.86 19.31 -5.47
N THR A 131 24.18 19.24 -5.33
CA THR A 131 24.92 20.29 -4.63
C THR A 131 25.00 21.52 -5.51
N PRO A 132 24.70 22.71 -4.99
CA PRO A 132 24.76 23.91 -5.82
C PRO A 132 26.15 24.09 -6.41
N PRO A 133 26.24 24.79 -7.55
CA PRO A 133 27.55 24.90 -8.23
C PRO A 133 28.63 25.52 -7.36
N ALA A 134 28.27 26.36 -6.39
CA ALA A 134 29.26 27.02 -5.55
C ALA A 134 30.03 26.03 -4.68
N ALA A 135 29.43 24.89 -4.33
CA ALA A 135 30.05 23.98 -3.38
C ALA A 135 30.45 22.63 -3.95
N ARG A 136 29.90 22.21 -5.13
CA ARG A 136 30.13 20.83 -5.54
C ARG A 136 31.48 20.69 -6.24
N PRO A 137 32.19 19.60 -6.01
CA PRO A 137 33.51 19.42 -6.62
C PRO A 137 33.43 19.45 -8.14
N PRO A 138 34.51 19.90 -8.80
CA PRO A 138 34.45 20.02 -10.27
C PRO A 138 34.30 18.69 -10.97
N ASN A 139 34.91 17.63 -10.46
CA ASN A 139 34.85 16.33 -11.09
C ASN A 139 33.81 15.47 -10.39
N ALA A 140 32.80 15.05 -11.14
CA ALA A 140 31.77 14.19 -10.60
C ALA A 140 32.37 12.81 -10.30
N PRO A 141 31.70 12.02 -9.47
CA PRO A 141 32.15 10.64 -9.28
C PRO A 141 32.03 9.87 -10.58
N ILE A 142 32.85 8.85 -10.72
CA ILE A 142 32.89 8.07 -11.94
C ILE A 142 32.60 6.61 -11.63
N LEU A 143 32.21 5.89 -12.67
CA LEU A 143 31.90 4.48 -12.58
C LEU A 143 33.15 3.70 -12.97
N SER A 144 33.54 2.72 -12.18
CA SER A 144 34.70 1.92 -12.56
C SER A 144 34.80 0.69 -11.68
N THR A 145 35.69 -0.22 -12.09
CA THR A 145 36.02 -1.42 -11.33
C THR A 145 37.52 -1.45 -11.07
N SER B 3 21.44 -2.95 -36.85
CA SER B 3 20.60 -3.32 -35.73
C SER B 3 20.69 -4.81 -35.42
N MET B 4 20.19 -5.20 -34.26
CA MET B 4 20.23 -6.57 -33.80
C MET B 4 18.99 -7.33 -34.26
N ASP B 5 19.02 -8.65 -34.09
CA ASP B 5 17.91 -9.53 -34.44
C ASP B 5 17.77 -10.50 -33.26
N ILE B 6 16.97 -10.09 -32.27
CA ILE B 6 16.79 -10.82 -31.04
C ILE B 6 15.45 -11.54 -31.11
N ASP B 7 15.46 -12.84 -30.83
CA ASP B 7 14.22 -13.59 -30.78
C ASP B 7 13.85 -13.81 -29.32
N PRO B 8 12.72 -13.28 -28.86
CA PRO B 8 12.35 -13.45 -27.44
C PRO B 8 12.23 -14.91 -27.02
N TYR B 9 11.98 -15.83 -27.96
CA TYR B 9 11.79 -17.24 -27.64
C TYR B 9 13.06 -18.08 -27.77
N LYS B 10 14.15 -17.50 -28.29
CA LYS B 10 15.33 -18.30 -28.62
C LYS B 10 16.02 -18.81 -27.37
N GLU B 11 16.18 -17.96 -26.36
CA GLU B 11 16.76 -18.40 -25.09
C GLU B 11 15.83 -19.38 -24.37
N PHE B 12 14.55 -19.43 -24.74
CA PHE B 12 13.60 -20.36 -24.16
C PHE B 12 13.36 -21.57 -25.05
N GLY B 13 14.17 -21.74 -26.10
CA GLY B 13 14.10 -22.95 -26.90
C GLY B 13 12.98 -23.02 -27.91
N ALA B 14 12.50 -21.89 -28.40
CA ALA B 14 11.48 -21.84 -29.44
C ALA B 14 11.80 -20.66 -30.35
N THR B 15 10.86 -20.31 -31.23
CA THR B 15 11.06 -19.24 -32.18
C THR B 15 9.75 -18.50 -32.41
N VAL B 16 9.86 -17.33 -33.03
CA VAL B 16 8.68 -16.56 -33.44
C VAL B 16 7.86 -17.34 -34.46
N GLU B 17 8.52 -17.95 -35.46
CA GLU B 17 7.80 -18.71 -36.47
C GLU B 17 7.01 -19.84 -35.83
N LEU B 18 7.55 -20.43 -34.76
CA LEU B 18 6.90 -21.56 -34.10
C LEU B 18 5.65 -21.12 -33.34
N LEU B 19 5.74 -20.01 -32.60
CA LEU B 19 4.56 -19.47 -31.93
C LEU B 19 3.49 -19.04 -32.91
N SER B 20 3.89 -18.58 -34.09
CA SER B 20 2.90 -18.13 -35.05
C SER B 20 2.24 -19.28 -35.78
N PHE B 21 2.75 -20.52 -35.59
CA PHE B 21 2.09 -21.71 -36.11
C PHE B 21 0.72 -21.91 -35.46
N LEU B 22 0.51 -21.34 -34.28
CA LEU B 22 -0.80 -21.33 -33.64
C LEU B 22 -1.65 -20.22 -34.22
N PRO B 23 -2.89 -20.49 -34.63
CA PRO B 23 -3.70 -19.46 -35.28
C PRO B 23 -4.05 -18.36 -34.31
N SER B 24 -4.42 -17.20 -34.88
CA SER B 24 -4.64 -16.00 -34.07
C SER B 24 -5.76 -16.20 -33.06
N ASP B 25 -6.82 -16.91 -33.43
CA ASP B 25 -7.93 -17.11 -32.52
C ASP B 25 -7.70 -18.25 -31.52
N PHE B 26 -6.49 -18.82 -31.46
CA PHE B 26 -6.21 -19.81 -30.43
C PHE B 26 -5.97 -19.15 -29.08
N PHE B 27 -5.26 -18.02 -29.07
CA PHE B 27 -4.75 -17.40 -27.85
C PHE B 27 -5.86 -16.67 -27.11
N PRO B 28 -5.91 -16.77 -25.78
CA PRO B 28 -6.84 -15.97 -25.00
C PRO B 28 -6.57 -14.48 -25.19
N SER B 29 -7.45 -13.67 -24.61
CA SER B 29 -7.27 -12.23 -24.66
C SER B 29 -6.07 -11.80 -23.80
N VAL B 30 -5.58 -10.59 -24.03
CA VAL B 30 -4.51 -10.04 -23.19
C VAL B 30 -4.99 -9.91 -21.75
N ARG B 31 -6.23 -9.43 -21.57
CA ARG B 31 -6.80 -9.29 -20.22
C ARG B 31 -6.87 -10.63 -19.51
N ASP B 32 -7.37 -11.66 -20.19
CA ASP B 32 -7.54 -12.96 -19.55
C ASP B 32 -6.19 -13.56 -19.19
N LEU B 33 -5.15 -13.24 -19.98
CA LEU B 33 -3.81 -13.74 -19.69
C LEU B 33 -3.17 -13.00 -18.52
N LEU B 34 -3.32 -11.67 -18.48
CA LEU B 34 -2.79 -10.90 -17.36
C LEU B 34 -3.45 -11.30 -16.04
N ASP B 35 -4.78 -11.48 -16.04
CA ASP B 35 -5.46 -11.91 -14.82
C ASP B 35 -4.98 -13.29 -14.37
N THR B 36 -4.56 -14.13 -15.31
CA THR B 36 -4.06 -15.47 -14.97
C THR B 36 -2.63 -15.41 -14.43
N ALA B 37 -1.80 -14.55 -15.00
CA ALA B 37 -0.46 -14.31 -14.44
C ALA B 37 -0.57 -13.86 -12.99
N ALA B 38 -1.49 -12.93 -12.72
CA ALA B 38 -1.74 -12.51 -11.35
C ALA B 38 -2.25 -13.65 -10.49
N ALA B 39 -3.29 -14.35 -10.97
CA ALA B 39 -3.92 -15.40 -10.17
C ALA B 39 -2.97 -16.54 -9.86
N LEU B 40 -2.04 -16.84 -10.77
CA LEU B 40 -1.14 -17.97 -10.62
C LEU B 40 0.21 -17.63 -10.01
N TYR B 41 0.77 -16.45 -10.32
CA TYR B 41 2.18 -16.22 -10.02
C TYR B 41 2.47 -14.86 -9.39
N ARG B 42 1.45 -14.08 -9.00
CA ARG B 42 1.72 -12.69 -8.65
C ARG B 42 2.67 -12.58 -7.46
N ASP B 43 2.61 -13.52 -6.53
CA ASP B 43 3.57 -13.51 -5.43
C ASP B 43 4.99 -13.66 -5.95
N ALA B 44 5.20 -14.54 -6.94
CA ALA B 44 6.53 -14.73 -7.51
C ALA B 44 6.91 -13.60 -8.45
N LEU B 45 5.96 -13.14 -9.28
CA LEU B 45 6.21 -12.02 -10.19
C LEU B 45 6.64 -10.78 -9.41
N GLU B 46 6.07 -10.57 -8.23
CA GLU B 46 6.40 -9.43 -7.39
C GLU B 46 7.55 -9.68 -6.42
N SER B 47 8.11 -10.89 -6.43
CA SER B 47 9.15 -11.25 -5.49
C SER B 47 10.47 -10.56 -5.84
N PRO B 48 11.34 -10.33 -4.84
CA PRO B 48 12.69 -9.86 -5.15
C PRO B 48 13.64 -10.94 -5.64
N GLU B 49 13.20 -12.21 -5.65
CA GLU B 49 14.03 -13.28 -6.18
C GLU B 49 13.81 -13.41 -7.69
N HIS B 50 14.86 -13.83 -8.40
CA HIS B 50 14.73 -14.04 -9.84
C HIS B 50 13.66 -15.08 -10.14
N CYS B 51 13.64 -16.17 -9.38
CA CYS B 51 12.75 -17.32 -9.53
C CYS B 51 13.13 -18.19 -10.72
N SER B 52 13.07 -17.64 -11.92
CA SER B 52 13.38 -18.38 -13.14
C SER B 52 13.46 -17.40 -14.30
N PRO B 53 14.15 -17.77 -15.38
CA PRO B 53 14.18 -16.91 -16.57
C PRO B 53 12.81 -16.64 -17.14
N HIS B 54 11.88 -17.59 -17.03
CA HIS B 54 10.51 -17.32 -17.44
C HIS B 54 9.90 -16.21 -16.60
N HIS B 55 10.08 -16.27 -15.28
CA HIS B 55 9.59 -15.19 -14.41
C HIS B 55 10.17 -13.85 -14.82
N THR B 56 11.49 -13.81 -15.08
CA THR B 56 12.15 -12.57 -15.48
C THR B 56 11.54 -12.04 -16.78
N ALA B 57 11.32 -12.92 -17.77
CA ALA B 57 10.72 -12.48 -19.03
C ALA B 57 9.26 -12.07 -18.84
N LEU B 58 8.49 -12.86 -18.08
CA LEU B 58 7.08 -12.53 -17.87
C LEU B 58 6.91 -11.18 -17.19
N ARG B 59 7.78 -10.86 -16.23
CA ARG B 59 7.78 -9.53 -15.60
C ARG B 59 7.86 -8.42 -16.64
N GLN B 60 8.81 -8.55 -17.58
CA GLN B 60 9.02 -7.48 -18.56
C GLN B 60 7.86 -7.39 -19.54
N ALA B 61 7.29 -8.54 -19.95
CA ALA B 61 6.20 -8.52 -20.92
C ALA B 61 4.96 -7.82 -20.36
N ILE B 62 4.55 -8.19 -19.15
CA ILE B 62 3.41 -7.55 -18.51
C ILE B 62 3.60 -6.05 -18.46
N LEU B 63 4.77 -5.62 -17.98
CA LEU B 63 5.08 -4.19 -17.92
C LEU B 63 5.07 -3.56 -19.30
N CYS B 64 5.68 -4.21 -20.29
CA CYS B 64 5.70 -3.63 -21.63
C CYS B 64 4.28 -3.41 -22.15
N TRP B 65 3.42 -4.43 -21.99
CA TRP B 65 2.02 -4.25 -22.35
C TRP B 65 1.40 -3.08 -21.58
N GLY B 66 1.81 -2.86 -20.34
CA GLY B 66 1.39 -1.68 -19.61
C GLY B 66 1.78 -0.40 -20.33
N ASP B 67 3.04 -0.32 -20.78
CA ASP B 67 3.52 0.85 -21.53
C ASP B 67 2.74 1.04 -22.83
N LEU B 68 2.52 -0.06 -23.58
CA LEU B 68 1.80 0.06 -24.84
C LEU B 68 0.37 0.53 -24.63
N MET B 69 -0.27 0.06 -23.55
CA MET B 69 -1.64 0.49 -23.30
C MET B 69 -1.68 1.95 -22.86
N THR B 70 -0.75 2.36 -22.00
CA THR B 70 -0.69 3.76 -21.59
C THR B 70 -0.52 4.68 -22.79
N LEU B 71 0.29 4.27 -23.78
CA LEU B 71 0.55 5.12 -24.93
C LEU B 71 -0.67 5.20 -25.85
N ALA B 72 -1.29 4.06 -26.15
CA ALA B 72 -2.49 4.05 -26.99
C ALA B 72 -3.65 4.74 -26.29
N THR B 73 -3.74 4.57 -24.96
CA THR B 73 -4.82 5.20 -24.21
C THR B 73 -4.60 6.70 -24.12
N TRP B 74 -3.34 7.11 -23.99
CA TRP B 74 -3.00 8.52 -24.01
C TRP B 74 -3.38 9.20 -25.32
N VAL B 75 -3.53 8.43 -26.41
CA VAL B 75 -3.93 9.03 -27.68
C VAL B 75 -5.38 9.47 -27.63
N GLY B 76 -6.25 8.69 -26.99
CA GLY B 76 -7.63 9.11 -26.83
C GLY B 76 -7.75 10.23 -25.81
N THR B 77 -7.06 10.11 -24.68
CA THR B 77 -7.19 11.08 -23.60
C THR B 77 -6.53 12.43 -23.95
N ASN B 78 -5.46 12.42 -24.74
CA ASN B 78 -4.69 13.63 -24.99
C ASN B 78 -4.68 14.11 -26.44
N LEU B 79 -5.16 13.31 -27.39
CA LEU B 79 -5.19 13.76 -28.79
C LEU B 79 -6.60 13.67 -29.37
N VAL B 88 -6.11 3.55 -34.16
CA VAL B 88 -5.02 3.87 -33.25
C VAL B 88 -4.99 2.83 -32.14
N VAL B 89 -5.81 3.07 -31.10
CA VAL B 89 -6.03 2.05 -30.08
C VAL B 89 -6.46 0.74 -30.74
N SER B 90 -7.19 0.82 -31.85
CA SER B 90 -7.58 -0.38 -32.58
C SER B 90 -6.37 -1.14 -33.13
N TYR B 91 -5.38 -0.41 -33.68
CA TYR B 91 -4.18 -1.07 -34.18
C TYR B 91 -3.45 -1.80 -33.06
N VAL B 92 -3.33 -1.15 -31.90
CA VAL B 92 -2.64 -1.74 -30.76
C VAL B 92 -3.31 -3.03 -30.34
N ASN B 93 -4.65 -3.06 -30.45
CA ASN B 93 -5.38 -4.29 -30.13
C ASN B 93 -5.05 -5.43 -31.09
N THR B 94 -4.81 -5.13 -32.38
CA THR B 94 -4.64 -6.20 -33.36
C THR B 94 -3.21 -6.75 -33.45
N ASN B 95 -2.25 -5.88 -33.78
CA ASN B 95 -0.92 -6.34 -34.14
C ASN B 95 -0.07 -6.59 -32.91
N VAL B 96 0.13 -5.56 -32.08
CA VAL B 96 0.92 -5.76 -30.87
C VAL B 96 0.19 -6.74 -29.96
N GLY B 97 -1.14 -6.70 -29.97
CA GLY B 97 -1.92 -7.57 -29.11
C GLY B 97 -1.63 -9.04 -29.37
N LEU B 98 -1.59 -9.43 -30.64
CA LEU B 98 -1.27 -10.80 -30.97
C LEU B 98 0.13 -11.18 -30.47
N LYS B 99 1.09 -10.26 -30.60
CA LYS B 99 2.45 -10.53 -30.14
C LYS B 99 2.47 -10.87 -28.65
N PHE B 100 1.78 -10.06 -27.84
CA PHE B 100 1.77 -10.29 -26.40
C PHE B 100 0.82 -11.40 -25.98
N ARG B 101 -0.19 -11.69 -26.80
CA ARG B 101 -1.00 -12.88 -26.52
C ARG B 101 -0.17 -14.15 -26.70
N GLN B 102 0.69 -14.18 -27.72
CA GLN B 102 1.57 -15.34 -27.87
C GLN B 102 2.58 -15.41 -26.74
N LEU B 103 3.23 -14.28 -26.46
CA LEU B 103 4.31 -14.24 -25.46
C LEU B 103 3.78 -14.57 -24.06
N LEU B 104 2.69 -13.92 -23.66
CA LEU B 104 2.12 -14.19 -22.34
C LEU B 104 1.65 -15.63 -22.22
N TRP B 105 1.06 -16.17 -23.29
CA TRP B 105 0.62 -17.57 -23.26
C TRP B 105 1.81 -18.52 -23.18
N PHE B 106 2.86 -18.25 -23.96
CA PHE B 106 4.04 -19.10 -23.95
C PHE B 106 4.65 -19.20 -22.55
N HIS B 107 4.89 -18.05 -21.90
CA HIS B 107 5.57 -18.07 -20.61
C HIS B 107 4.66 -18.60 -19.50
N ILE B 108 3.40 -18.18 -19.47
CA ILE B 108 2.50 -18.71 -18.45
C ILE B 108 2.35 -20.22 -18.59
N SER B 109 2.22 -20.70 -19.84
CA SER B 109 2.09 -22.14 -20.08
C SER B 109 3.37 -22.87 -19.73
N CYS B 110 4.53 -22.33 -20.10
CA CYS B 110 5.79 -22.98 -19.78
C CYS B 110 5.99 -23.08 -18.27
N LEU B 111 5.68 -22.01 -17.53
CA LEU B 111 5.79 -22.06 -16.07
C LEU B 111 4.90 -23.16 -15.48
N THR B 112 3.70 -23.34 -16.03
CA THR B 112 2.76 -24.33 -15.50
C THR B 112 3.10 -25.75 -15.94
N PHE B 113 3.36 -25.96 -17.24
CA PHE B 113 3.46 -27.31 -17.79
C PHE B 113 4.85 -27.71 -18.26
N GLY B 114 5.78 -26.78 -18.38
CA GLY B 114 7.12 -27.16 -18.82
C GLY B 114 7.32 -26.91 -20.30
N ARG B 115 8.58 -26.63 -20.66
CA ARG B 115 8.86 -26.21 -22.03
C ARG B 115 8.59 -27.33 -23.04
N GLU B 116 9.08 -28.54 -22.75
CA GLU B 116 8.85 -29.65 -23.69
C GLU B 116 7.36 -29.90 -23.89
N THR B 117 6.60 -30.01 -22.80
CA THR B 117 5.17 -30.24 -22.91
C THR B 117 4.48 -29.15 -23.72
N VAL B 118 4.87 -27.89 -23.50
CA VAL B 118 4.25 -26.79 -24.23
C VAL B 118 4.54 -26.91 -25.72
N LEU B 119 5.77 -27.33 -26.07
CA LEU B 119 6.15 -27.32 -27.48
C LEU B 119 5.50 -28.45 -28.25
N GLU B 120 5.50 -29.65 -27.68
CA GLU B 120 4.83 -30.77 -28.31
C GLU B 120 3.35 -30.46 -28.54
N TYR B 121 2.70 -29.85 -27.54
CA TYR B 121 1.30 -29.49 -27.70
C TYR B 121 1.10 -28.51 -28.84
N LEU B 122 2.05 -27.57 -29.00
CA LEU B 122 1.92 -26.52 -30.01
C LEU B 122 1.89 -27.11 -31.41
N VAL B 123 2.76 -28.09 -31.67
CA VAL B 123 2.78 -28.67 -33.01
C VAL B 123 1.56 -29.54 -33.22
N SER B 124 1.20 -30.35 -32.22
CA SER B 124 0.02 -31.20 -32.34
C SER B 124 -1.22 -30.38 -32.64
N PHE B 125 -1.42 -29.30 -31.88
CA PHE B 125 -2.60 -28.48 -32.12
C PHE B 125 -2.56 -27.82 -33.49
N GLY B 126 -1.38 -27.36 -33.92
CA GLY B 126 -1.28 -26.69 -35.19
C GLY B 126 -1.62 -27.60 -36.34
N VAL B 127 -1.21 -28.86 -36.25
CA VAL B 127 -1.58 -29.86 -37.23
C VAL B 127 -3.07 -30.19 -37.12
N TRP B 128 -3.58 -30.31 -35.89
CA TRP B 128 -4.98 -30.68 -35.68
C TRP B 128 -5.92 -29.62 -36.22
N ILE B 129 -5.67 -28.35 -35.88
CA ILE B 129 -6.59 -27.31 -36.29
C ILE B 129 -6.54 -27.08 -37.79
N ARG B 130 -5.47 -27.53 -38.45
CA ARG B 130 -5.32 -27.40 -39.89
C ARG B 130 -5.96 -28.54 -40.68
N THR B 131 -6.35 -29.61 -40.01
CA THR B 131 -7.03 -30.70 -40.69
C THR B 131 -8.48 -30.29 -40.98
N PRO B 132 -8.99 -30.52 -42.18
CA PRO B 132 -10.37 -30.16 -42.47
C PRO B 132 -11.31 -30.86 -41.51
N PRO B 133 -12.49 -30.27 -41.26
CA PRO B 133 -13.38 -30.86 -40.24
C PRO B 133 -13.79 -32.28 -40.54
N ALA B 134 -13.81 -32.67 -41.82
CA ALA B 134 -14.26 -34.00 -42.20
C ALA B 134 -13.34 -35.10 -41.67
N ALA B 135 -12.05 -34.81 -41.49
CA ALA B 135 -11.08 -35.83 -41.16
C ALA B 135 -10.50 -35.72 -39.76
N ARG B 136 -10.60 -34.54 -39.09
CA ARG B 136 -9.86 -34.35 -37.85
C ARG B 136 -10.63 -34.94 -36.67
N PRO B 137 -9.94 -35.54 -35.71
CA PRO B 137 -10.62 -36.14 -34.57
C PRO B 137 -11.44 -35.12 -33.82
N PRO B 138 -12.51 -35.55 -33.15
CA PRO B 138 -13.38 -34.57 -32.48
C PRO B 138 -12.70 -33.81 -31.34
N ASN B 139 -11.81 -34.45 -30.58
CA ASN B 139 -11.16 -33.82 -29.44
C ASN B 139 -9.74 -33.40 -29.78
N ALA B 140 -9.46 -32.10 -29.63
CA ALA B 140 -8.15 -31.53 -29.88
C ALA B 140 -7.12 -32.03 -28.87
N PRO B 141 -5.83 -31.84 -29.14
CA PRO B 141 -4.82 -32.16 -28.13
C PRO B 141 -4.99 -31.28 -26.90
N ILE B 142 -4.55 -31.80 -25.75
CA ILE B 142 -4.66 -31.08 -24.49
C ILE B 142 -3.29 -31.02 -23.83
N LEU B 143 -3.17 -30.13 -22.86
CA LEU B 143 -1.95 -29.89 -22.12
C LEU B 143 -1.87 -30.76 -20.89
N SER B 144 -0.67 -31.25 -20.59
CA SER B 144 -0.41 -32.04 -19.39
C SER B 144 1.09 -32.07 -19.09
N SER C 3 -7.98 3.28 8.82
CA SER C 3 -9.08 2.34 8.78
C SER C 3 -8.59 0.94 8.42
N MET C 4 -9.42 -0.07 8.67
CA MET C 4 -9.05 -1.45 8.43
C MET C 4 -9.39 -1.86 7.01
N ASP C 5 -8.80 -2.97 6.58
CA ASP C 5 -9.12 -3.60 5.29
C ASP C 5 -9.04 -5.10 5.52
N ILE C 6 -10.17 -5.71 5.83
CA ILE C 6 -10.23 -7.13 6.18
C ILE C 6 -10.66 -7.91 4.95
N ASP C 7 -9.94 -8.99 4.66
CA ASP C 7 -10.28 -9.86 3.54
C ASP C 7 -10.95 -11.12 4.07
N PRO C 8 -12.22 -11.35 3.71
CA PRO C 8 -12.93 -12.52 4.26
C PRO C 8 -12.28 -13.85 3.95
N TYR C 9 -11.50 -13.94 2.87
CA TYR C 9 -10.91 -15.21 2.45
C TYR C 9 -9.50 -15.44 2.97
N LYS C 10 -8.87 -14.45 3.60
CA LYS C 10 -7.46 -14.59 3.96
C LYS C 10 -7.28 -15.64 5.04
N GLU C 11 -8.15 -15.65 6.05
CA GLU C 11 -8.04 -16.67 7.08
C GLU C 11 -8.33 -18.06 6.55
N PHE C 12 -8.98 -18.15 5.38
CA PHE C 12 -9.26 -19.42 4.72
C PHE C 12 -8.31 -19.72 3.57
N GLY C 13 -7.21 -19.00 3.45
CA GLY C 13 -6.18 -19.35 2.48
C GLY C 13 -6.46 -18.94 1.05
N ALA C 14 -7.27 -17.91 0.84
CA ALA C 14 -7.54 -17.37 -0.49
C ALA C 14 -7.66 -15.86 -0.34
N THR C 15 -8.11 -15.19 -1.40
CA THR C 15 -8.25 -13.74 -1.40
C THR C 15 -9.48 -13.36 -2.23
N VAL C 16 -9.90 -12.11 -2.08
CA VAL C 16 -10.98 -11.58 -2.90
C VAL C 16 -10.63 -11.66 -4.38
N GLU C 17 -9.40 -11.28 -4.74
CA GLU C 17 -8.97 -11.32 -6.13
C GLU C 17 -9.06 -12.73 -6.70
N LEU C 18 -8.81 -13.75 -5.87
CA LEU C 18 -8.81 -15.13 -6.35
C LEU C 18 -10.22 -15.60 -6.68
N LEU C 19 -11.19 -15.31 -5.81
CA LEU C 19 -12.57 -15.66 -6.09
C LEU C 19 -13.08 -14.94 -7.33
N SER C 20 -12.52 -13.77 -7.62
CA SER C 20 -12.97 -13.02 -8.79
C SER C 20 -12.36 -13.56 -10.07
N PHE C 21 -11.38 -14.46 -9.98
CA PHE C 21 -10.85 -15.15 -11.16
C PHE C 21 -11.91 -16.02 -11.82
N LEU C 22 -12.92 -16.44 -11.07
CA LEU C 22 -14.08 -17.14 -11.62
C LEU C 22 -15.06 -16.12 -12.20
N PRO C 23 -15.56 -16.33 -13.42
CA PRO C 23 -16.46 -15.34 -14.01
C PRO C 23 -17.78 -15.25 -13.24
N SER C 24 -18.46 -14.11 -13.42
CA SER C 24 -19.63 -13.80 -12.62
C SER C 24 -20.76 -14.80 -12.87
N ASP C 25 -20.90 -15.27 -14.09
CA ASP C 25 -21.93 -16.25 -14.44
C ASP C 25 -21.55 -17.68 -14.09
N PHE C 26 -20.45 -17.91 -13.37
CA PHE C 26 -20.13 -19.25 -12.91
C PHE C 26 -20.98 -19.64 -11.69
N PHE C 27 -21.20 -18.69 -10.78
CA PHE C 27 -21.79 -18.94 -9.46
C PHE C 27 -23.30 -19.14 -9.56
N PRO C 28 -23.84 -20.09 -8.80
CA PRO C 28 -25.30 -20.22 -8.69
C PRO C 28 -25.91 -18.96 -8.09
N SER C 29 -27.24 -18.91 -8.14
CA SER C 29 -27.94 -17.76 -7.53
C SER C 29 -27.81 -17.80 -6.01
N VAL C 30 -28.07 -16.65 -5.38
CA VAL C 30 -28.09 -16.61 -3.92
C VAL C 30 -29.16 -17.53 -3.38
N ARG C 31 -30.34 -17.54 -4.00
CA ARG C 31 -31.43 -18.41 -3.53
C ARG C 31 -30.98 -19.87 -3.56
N ASP C 32 -30.36 -20.30 -4.67
CA ASP C 32 -30.00 -21.70 -4.81
C ASP C 32 -28.87 -22.09 -3.86
N LEU C 33 -27.97 -21.14 -3.54
CA LEU C 33 -26.87 -21.44 -2.62
C LEU C 33 -27.37 -21.54 -1.18
N LEU C 34 -28.25 -20.62 -0.77
CA LEU C 34 -28.83 -20.71 0.57
C LEU C 34 -29.62 -22.00 0.73
N ASP C 35 -30.39 -22.37 -0.30
CA ASP C 35 -31.14 -23.61 -0.25
C ASP C 35 -30.22 -24.81 -0.12
N THR C 36 -29.02 -24.73 -0.69
CA THR C 36 -28.10 -25.86 -0.59
C THR C 36 -27.42 -25.89 0.78
N ALA C 37 -27.04 -24.72 1.31
CA ALA C 37 -26.52 -24.66 2.67
C ALA C 37 -27.49 -25.30 3.66
N ALA C 38 -28.78 -25.00 3.50
CA ALA C 38 -29.81 -25.67 4.31
C ALA C 38 -29.83 -27.17 4.01
N ALA C 39 -29.91 -27.53 2.72
CA ALA C 39 -30.07 -28.93 2.35
C ALA C 39 -28.90 -29.79 2.80
N LEU C 40 -27.69 -29.23 2.84
CA LEU C 40 -26.48 -29.97 3.17
C LEU C 40 -26.05 -29.85 4.63
N TYR C 41 -26.23 -28.67 5.25
CA TYR C 41 -25.58 -28.34 6.52
C TYR C 41 -26.51 -27.71 7.54
N ARG C 42 -27.82 -27.77 7.35
CA ARG C 42 -28.75 -27.09 8.26
C ARG C 42 -28.49 -27.49 9.72
N ASP C 43 -28.31 -28.79 9.97
CA ASP C 43 -28.12 -29.24 11.34
C ASP C 43 -26.90 -28.59 11.99
N ALA C 44 -25.78 -28.52 11.27
CA ALA C 44 -24.57 -27.95 11.86
C ALA C 44 -24.65 -26.43 11.90
N LEU C 45 -25.20 -25.79 10.87
CA LEU C 45 -25.34 -24.34 10.87
C LEU C 45 -26.12 -23.86 12.08
N GLU C 46 -27.13 -24.62 12.51
CA GLU C 46 -27.97 -24.27 13.65
C GLU C 46 -27.46 -24.84 14.99
N SER C 47 -26.33 -25.54 14.96
CA SER C 47 -25.80 -26.18 16.15
C SER C 47 -25.24 -25.17 17.15
N PRO C 48 -25.21 -25.51 18.43
CA PRO C 48 -24.51 -24.67 19.42
C PRO C 48 -23.01 -24.87 19.42
N GLU C 49 -22.49 -25.83 18.66
CA GLU C 49 -21.04 -26.02 18.54
C GLU C 49 -20.47 -25.17 17.41
N HIS C 50 -19.22 -24.73 17.58
CA HIS C 50 -18.58 -23.95 16.53
C HIS C 50 -18.50 -24.72 15.22
N CYS C 51 -18.10 -25.99 15.31
CA CYS C 51 -17.89 -26.92 14.19
C CYS C 51 -16.62 -26.62 13.40
N SER C 52 -16.53 -25.44 12.80
CA SER C 52 -15.39 -25.12 11.96
C SER C 52 -15.43 -23.63 11.65
N PRO C 53 -14.27 -23.05 11.32
CA PRO C 53 -14.26 -21.65 10.86
C PRO C 53 -15.12 -21.40 9.64
N HIS C 54 -15.24 -22.40 8.75
CA HIS C 54 -16.15 -22.29 7.62
C HIS C 54 -17.60 -22.21 8.08
N HIS C 55 -17.98 -23.05 9.05
CA HIS C 55 -19.32 -22.98 9.60
C HIS C 55 -19.60 -21.61 10.21
N THR C 56 -18.65 -21.10 11.00
CA THR C 56 -18.82 -19.79 11.63
C THR C 56 -18.97 -18.69 10.58
N ALA C 57 -18.12 -18.72 9.55
CA ALA C 57 -18.21 -17.71 8.50
C ALA C 57 -19.51 -17.84 7.71
N LEU C 58 -19.88 -19.08 7.35
CA LEU C 58 -21.12 -19.32 6.60
C LEU C 58 -22.35 -18.85 7.35
N ARG C 59 -22.41 -19.07 8.67
CA ARG C 59 -23.52 -18.57 9.46
C ARG C 59 -23.72 -17.07 9.26
N GLN C 60 -22.63 -16.30 9.35
CA GLN C 60 -22.73 -14.84 9.26
C GLN C 60 -23.12 -14.40 7.86
N ALA C 61 -22.59 -15.08 6.83
CA ALA C 61 -22.90 -14.72 5.45
C ALA C 61 -24.39 -14.88 5.18
N ILE C 62 -24.95 -16.01 5.60
CA ILE C 62 -26.39 -16.22 5.46
C ILE C 62 -27.15 -15.10 6.17
N LEU C 63 -26.82 -14.86 7.44
CA LEU C 63 -27.51 -13.82 8.19
C LEU C 63 -27.33 -12.44 7.54
N CYS C 64 -26.11 -12.10 7.10
CA CYS C 64 -25.89 -10.79 6.50
C CYS C 64 -26.74 -10.60 5.25
N TRP C 65 -26.75 -11.59 4.35
CA TRP C 65 -27.66 -11.51 3.20
C TRP C 65 -29.10 -11.36 3.65
N GLY C 66 -29.47 -12.02 4.76
CA GLY C 66 -30.78 -11.76 5.34
C GLY C 66 -30.97 -10.31 5.70
N ASP C 67 -29.97 -9.72 6.37
CA ASP C 67 -30.04 -8.31 6.75
C ASP C 67 -30.19 -7.41 5.54
N LEU C 68 -29.40 -7.65 4.49
CA LEU C 68 -29.52 -6.85 3.28
C LEU C 68 -30.89 -7.02 2.62
N MET C 69 -31.41 -8.25 2.61
CA MET C 69 -32.71 -8.49 2.00
C MET C 69 -33.84 -7.90 2.83
N THR C 70 -33.80 -8.07 4.15
CA THR C 70 -34.85 -7.52 5.01
C THR C 70 -34.97 -6.01 4.83
N LEU C 71 -33.84 -5.32 4.66
CA LEU C 71 -33.87 -3.88 4.40
C LEU C 71 -34.43 -3.59 3.02
N ALA C 72 -34.00 -4.36 2.02
CA ALA C 72 -34.47 -4.16 0.65
C ALA C 72 -35.96 -4.47 0.49
N THR C 73 -36.45 -5.51 1.16
CA THR C 73 -37.86 -5.88 0.98
C THR C 73 -38.77 -4.95 1.78
N TRP C 74 -38.26 -4.38 2.87
CA TRP C 74 -38.96 -3.36 3.62
C TRP C 74 -39.06 -2.03 2.85
N VAL C 75 -38.27 -1.84 1.79
CA VAL C 75 -38.26 -0.58 1.07
C VAL C 75 -39.63 -0.31 0.42
N GLY C 76 -40.16 -1.30 -0.30
CA GLY C 76 -41.47 -1.17 -0.93
C GLY C 76 -42.60 -1.68 -0.06
N ASP C 86 -38.92 -2.31 -5.72
CA ASP C 86 -38.39 -2.98 -6.90
C ASP C 86 -37.02 -2.43 -7.27
N LEU C 87 -36.97 -1.12 -7.51
CA LEU C 87 -35.69 -0.46 -7.78
C LEU C 87 -34.69 -0.71 -6.67
N VAL C 88 -35.17 -0.86 -5.43
CA VAL C 88 -34.27 -1.09 -4.30
C VAL C 88 -33.69 -2.50 -4.36
N VAL C 89 -34.55 -3.51 -4.58
CA VAL C 89 -34.10 -4.89 -4.66
C VAL C 89 -33.08 -5.08 -5.77
N SER C 90 -33.23 -4.34 -6.88
CA SER C 90 -32.27 -4.43 -7.98
C SER C 90 -30.86 -4.03 -7.55
N TYR C 91 -30.73 -2.98 -6.73
CA TYR C 91 -29.41 -2.54 -6.30
C TYR C 91 -28.67 -3.62 -5.52
N VAL C 92 -29.35 -4.30 -4.59
CA VAL C 92 -28.70 -5.34 -3.81
C VAL C 92 -28.30 -6.51 -4.71
N ASN C 93 -29.22 -6.94 -5.57
CA ASN C 93 -28.94 -8.07 -6.45
C ASN C 93 -27.83 -7.77 -7.45
N THR C 94 -27.73 -6.51 -7.89
CA THR C 94 -26.74 -6.15 -8.90
C THR C 94 -25.35 -5.99 -8.31
N ASN C 95 -25.22 -5.17 -7.26
CA ASN C 95 -23.91 -4.86 -6.70
C ASN C 95 -23.48 -5.92 -5.69
N VAL C 96 -24.23 -6.04 -4.59
CA VAL C 96 -23.91 -6.93 -3.48
C VAL C 96 -24.04 -8.40 -3.86
N GLY C 97 -24.94 -8.72 -4.79
CA GLY C 97 -25.27 -10.12 -5.04
C GLY C 97 -24.09 -10.98 -5.42
N LEU C 98 -23.28 -10.53 -6.37
CA LEU C 98 -22.12 -11.33 -6.79
C LEU C 98 -21.16 -11.58 -5.64
N LYS C 99 -20.98 -10.57 -4.78
CA LYS C 99 -20.08 -10.70 -3.64
C LYS C 99 -20.47 -11.90 -2.78
N PHE C 100 -21.76 -12.03 -2.45
CA PHE C 100 -22.22 -13.12 -1.59
C PHE C 100 -22.33 -14.45 -2.34
N ARG C 101 -22.55 -14.42 -3.65
CA ARG C 101 -22.51 -15.67 -4.41
C ARG C 101 -21.13 -16.31 -4.39
N GLN C 102 -20.07 -15.49 -4.45
CA GLN C 102 -18.71 -16.02 -4.31
C GLN C 102 -18.49 -16.56 -2.90
N LEU C 103 -18.89 -15.77 -1.89
CA LEU C 103 -18.65 -16.14 -0.51
C LEU C 103 -19.42 -17.41 -0.14
N LEU C 104 -20.71 -17.45 -0.45
CA LEU C 104 -21.51 -18.64 -0.15
C LEU C 104 -20.98 -19.87 -0.88
N TRP C 105 -20.60 -19.70 -2.16
CA TRP C 105 -20.07 -20.82 -2.93
C TRP C 105 -18.75 -21.30 -2.35
N PHE C 106 -17.88 -20.38 -1.96
CA PHE C 106 -16.58 -20.75 -1.42
C PHE C 106 -16.74 -21.64 -0.17
N HIS C 107 -17.58 -21.21 0.77
CA HIS C 107 -17.70 -21.92 2.05
C HIS C 107 -18.45 -23.23 1.91
N ILE C 108 -19.55 -23.25 1.15
CA ILE C 108 -20.29 -24.51 0.98
C ILE C 108 -19.42 -25.54 0.26
N SER C 109 -18.68 -25.12 -0.77
CA SER C 109 -17.82 -26.05 -1.50
C SER C 109 -16.67 -26.54 -0.63
N CYS C 110 -16.05 -25.64 0.16
CA CYS C 110 -14.96 -26.05 1.03
C CYS C 110 -15.41 -27.09 2.05
N LEU C 111 -16.60 -26.91 2.63
CA LEU C 111 -17.13 -27.90 3.57
C LEU C 111 -17.33 -29.27 2.93
N THR C 112 -17.75 -29.30 1.67
CA THR C 112 -17.99 -30.59 1.01
C THR C 112 -16.70 -31.25 0.56
N PHE C 113 -15.80 -30.50 -0.09
CA PHE C 113 -14.68 -31.07 -0.82
C PHE C 113 -13.30 -30.79 -0.22
N GLY C 114 -13.19 -29.83 0.69
CA GLY C 114 -11.87 -29.50 1.22
C GLY C 114 -11.28 -28.27 0.56
N ARG C 115 -10.45 -27.55 1.30
CA ARG C 115 -9.97 -26.25 0.85
C ARG C 115 -9.01 -26.39 -0.32
N GLU C 116 -8.03 -27.29 -0.20
CA GLU C 116 -7.07 -27.49 -1.29
C GLU C 116 -7.78 -27.88 -2.57
N THR C 117 -8.71 -28.85 -2.49
CA THR C 117 -9.47 -29.29 -3.66
C THR C 117 -10.24 -28.14 -4.30
N VAL C 118 -10.82 -27.26 -3.48
CA VAL C 118 -11.56 -26.11 -4.01
C VAL C 118 -10.65 -25.14 -4.76
N LEU C 119 -9.42 -24.93 -4.26
CA LEU C 119 -8.58 -23.92 -4.89
C LEU C 119 -8.02 -24.42 -6.22
N GLU C 120 -7.57 -25.67 -6.26
CA GLU C 120 -7.15 -26.26 -7.52
C GLU C 120 -8.27 -26.21 -8.55
N TYR C 121 -9.51 -26.50 -8.15
CA TYR C 121 -10.61 -26.42 -9.09
C TYR C 121 -10.80 -25.00 -9.62
N LEU C 122 -10.65 -24.01 -8.74
CA LEU C 122 -10.92 -22.62 -9.11
C LEU C 122 -9.96 -22.17 -10.20
N VAL C 123 -8.67 -22.52 -10.07
CA VAL C 123 -7.68 -22.12 -11.06
C VAL C 123 -7.90 -22.86 -12.36
N SER C 124 -8.14 -24.16 -12.29
CA SER C 124 -8.39 -24.94 -13.49
C SER C 124 -9.57 -24.40 -14.27
N PHE C 125 -10.68 -24.12 -13.58
CA PHE C 125 -11.85 -23.61 -14.30
C PHE C 125 -11.54 -22.23 -14.88
N GLY C 126 -10.84 -21.39 -14.13
CA GLY C 126 -10.57 -20.05 -14.60
C GLY C 126 -9.70 -20.03 -15.84
N VAL C 127 -8.70 -20.94 -15.89
CA VAL C 127 -7.90 -21.11 -17.09
C VAL C 127 -8.73 -21.71 -18.22
N TRP C 128 -9.55 -22.72 -17.89
CA TRP C 128 -10.33 -23.44 -18.90
C TRP C 128 -11.33 -22.52 -19.57
N ILE C 129 -12.09 -21.76 -18.77
CA ILE C 129 -13.14 -20.91 -19.32
C ILE C 129 -12.54 -19.76 -20.13
N ARG C 130 -11.26 -19.46 -19.91
CA ARG C 130 -10.58 -18.39 -20.62
C ARG C 130 -9.97 -18.85 -21.95
N THR C 131 -9.87 -20.15 -22.17
CA THR C 131 -9.36 -20.68 -23.44
C THR C 131 -10.42 -20.50 -24.52
N PRO C 132 -10.05 -19.97 -25.69
CA PRO C 132 -11.05 -19.77 -26.74
C PRO C 132 -11.70 -21.09 -27.12
N PRO C 133 -12.95 -21.06 -27.60
CA PRO C 133 -13.68 -22.31 -27.88
C PRO C 133 -13.00 -23.23 -28.87
N ALA C 134 -12.20 -22.69 -29.79
CA ALA C 134 -11.55 -23.52 -30.80
C ALA C 134 -10.56 -24.49 -30.19
N ALA C 135 -9.98 -24.14 -29.04
CA ALA C 135 -8.92 -24.90 -28.42
C ALA C 135 -9.32 -25.54 -27.11
N ARG C 136 -10.46 -25.16 -26.52
CA ARG C 136 -10.81 -25.55 -25.15
C ARG C 136 -11.34 -26.98 -25.12
N PRO C 137 -10.92 -27.78 -24.14
CA PRO C 137 -11.40 -29.16 -24.06
C PRO C 137 -12.91 -29.19 -23.84
N PRO C 138 -13.59 -30.22 -24.36
CA PRO C 138 -15.05 -30.24 -24.26
C PRO C 138 -15.57 -30.32 -22.83
N ASN C 139 -14.89 -31.05 -21.96
CA ASN C 139 -15.32 -31.21 -20.58
C ASN C 139 -14.53 -30.27 -19.68
N ALA C 140 -15.25 -29.39 -18.97
CA ALA C 140 -14.61 -28.53 -18.00
C ALA C 140 -14.04 -29.38 -16.88
N PRO C 141 -13.12 -28.83 -16.08
CA PRO C 141 -12.68 -29.57 -14.89
C PRO C 141 -13.86 -29.74 -13.93
N ILE C 142 -13.79 -30.81 -13.14
CA ILE C 142 -14.86 -31.08 -12.20
C ILE C 142 -14.26 -31.15 -10.81
N LEU C 143 -15.12 -30.96 -9.83
CA LEU C 143 -14.74 -30.97 -8.43
C LEU C 143 -14.94 -32.38 -7.88
N SER C 144 -13.98 -32.87 -7.09
CA SER C 144 -14.10 -34.23 -6.60
C SER C 144 -13.18 -34.49 -5.42
N THR C 145 -13.46 -35.58 -4.72
CA THR C 145 -12.59 -36.08 -3.66
C THR C 145 -11.66 -37.17 -4.19
N SER D 3 -37.14 -23.68 6.24
CA SER D 3 -36.05 -22.72 6.15
C SER D 3 -35.23 -22.72 7.45
N MET D 4 -34.04 -22.14 7.41
CA MET D 4 -33.20 -22.20 8.58
C MET D 4 -33.50 -21.08 9.56
N ASP D 5 -33.01 -21.26 10.77
CA ASP D 5 -33.16 -20.29 11.85
C ASP D 5 -31.83 -20.30 12.61
N ILE D 6 -30.91 -19.45 12.18
CA ILE D 6 -29.55 -19.42 12.71
C ILE D 6 -29.45 -18.28 13.71
N ASP D 7 -28.92 -18.58 14.88
CA ASP D 7 -28.73 -17.56 15.90
C ASP D 7 -27.26 -17.17 15.94
N PRO D 8 -26.89 -15.93 15.61
CA PRO D 8 -25.47 -15.57 15.58
C PRO D 8 -24.74 -15.78 16.89
N TYR D 9 -25.45 -15.75 18.01
CA TYR D 9 -24.84 -15.88 19.33
C TYR D 9 -24.86 -17.31 19.87
N LYS D 10 -25.51 -18.25 19.16
CA LYS D 10 -25.72 -19.57 19.72
C LYS D 10 -24.43 -20.36 19.83
N GLU D 11 -23.59 -20.33 18.79
CA GLU D 11 -22.30 -21.02 18.90
C GLU D 11 -21.39 -20.38 19.94
N PHE D 12 -21.68 -19.14 20.33
CA PHE D 12 -20.90 -18.44 21.35
C PHE D 12 -21.55 -18.48 22.73
N GLY D 13 -22.55 -19.33 22.94
CA GLY D 13 -23.09 -19.54 24.27
C GLY D 13 -24.05 -18.47 24.75
N ALA D 14 -24.72 -17.76 23.84
CA ALA D 14 -25.73 -16.78 24.19
C ALA D 14 -26.83 -16.87 23.15
N THR D 15 -27.74 -15.89 23.17
CA THR D 15 -28.86 -15.87 22.25
C THR D 15 -29.18 -14.43 21.88
N VAL D 16 -29.99 -14.28 20.82
CA VAL D 16 -30.47 -12.96 20.42
C VAL D 16 -31.30 -12.33 21.54
N GLU D 17 -32.19 -13.11 22.16
CA GLU D 17 -32.99 -12.59 23.26
C GLU D 17 -32.13 -12.08 24.41
N LEU D 18 -31.00 -12.74 24.65
CA LEU D 18 -30.14 -12.38 25.77
C LEU D 18 -29.45 -11.05 25.53
N LEU D 19 -28.91 -10.84 24.33
CA LEU D 19 -28.30 -9.55 24.00
C LEU D 19 -29.34 -8.42 24.01
N SER D 20 -30.59 -8.74 23.71
CA SER D 20 -31.62 -7.72 23.71
C SER D 20 -32.07 -7.37 25.12
N PHE D 21 -31.63 -8.12 26.13
CA PHE D 21 -31.89 -7.77 27.51
C PHE D 21 -31.23 -6.44 27.87
N LEU D 22 -30.19 -6.05 27.14
CA LEU D 22 -29.56 -4.74 27.29
C LEU D 22 -30.32 -3.69 26.50
N PRO D 23 -30.63 -2.53 27.09
CA PRO D 23 -31.42 -1.51 26.38
C PRO D 23 -30.66 -0.90 25.23
N SER D 24 -31.41 -0.22 24.36
CA SER D 24 -30.84 0.33 23.13
C SER D 24 -29.77 1.37 23.42
N ASP D 25 -29.98 2.20 24.45
CA ASP D 25 -28.99 3.23 24.80
C ASP D 25 -27.83 2.71 25.63
N PHE D 26 -27.72 1.40 25.83
CA PHE D 26 -26.53 0.86 26.49
C PHE D 26 -25.34 0.79 25.55
N PHE D 27 -25.58 0.37 24.31
CA PHE D 27 -24.49 0.06 23.39
C PHE D 27 -23.90 1.34 22.80
N PRO D 28 -22.57 1.40 22.67
CA PRO D 28 -21.94 2.51 21.95
C PRO D 28 -22.41 2.56 20.49
N SER D 29 -21.97 3.60 19.79
CA SER D 29 -22.30 3.74 18.38
C SER D 29 -21.59 2.67 17.56
N VAL D 30 -22.06 2.44 16.33
CA VAL D 30 -21.34 1.52 15.45
C VAL D 30 -19.95 2.07 15.15
N ARG D 31 -19.85 3.37 14.88
CA ARG D 31 -18.55 3.97 14.59
C ARG D 31 -17.59 3.77 15.74
N ASP D 32 -18.06 3.99 16.98
CA ASP D 32 -17.16 3.87 18.12
C ASP D 32 -16.70 2.44 18.35
N LEU D 33 -17.53 1.45 17.99
CA LEU D 33 -17.16 0.05 18.13
C LEU D 33 -16.16 -0.37 17.06
N LEU D 34 -16.36 0.07 15.81
CA LEU D 34 -15.43 -0.22 14.73
C LEU D 34 -14.05 0.38 15.01
N ASP D 35 -14.00 1.63 15.51
CA ASP D 35 -12.72 2.23 15.88
C ASP D 35 -12.04 1.44 16.98
N THR D 36 -12.83 0.85 17.87
CA THR D 36 -12.27 0.08 18.99
C THR D 36 -11.81 -1.30 18.53
N ALA D 37 -12.59 -1.96 17.67
CA ALA D 37 -12.16 -3.22 17.08
C ALA D 37 -10.81 -3.06 16.40
N ALA D 38 -10.66 -1.99 15.62
CA ALA D 38 -9.36 -1.68 15.00
C ALA D 38 -8.29 -1.39 16.06
N ALA D 39 -8.59 -0.47 17.00
CA ALA D 39 -7.58 -0.04 17.97
C ALA D 39 -7.07 -1.19 18.82
N LEU D 40 -7.91 -2.18 19.13
CA LEU D 40 -7.52 -3.28 19.98
C LEU D 40 -7.01 -4.50 19.21
N TYR D 41 -7.60 -4.77 18.02
CA TYR D 41 -7.44 -6.06 17.36
C TYR D 41 -7.13 -5.97 15.88
N ARG D 42 -6.74 -4.80 15.38
CA ARG D 42 -6.55 -4.63 13.94
C ARG D 42 -5.63 -5.70 13.37
N ASP D 43 -4.50 -5.93 14.04
CA ASP D 43 -3.50 -6.87 13.54
C ASP D 43 -4.08 -8.28 13.46
N ALA D 44 -4.87 -8.67 14.46
CA ALA D 44 -5.44 -10.01 14.46
C ALA D 44 -6.60 -10.13 13.47
N LEU D 45 -7.46 -9.10 13.39
CA LEU D 45 -8.55 -9.11 12.41
C LEU D 45 -8.03 -9.22 10.98
N GLU D 46 -6.89 -8.59 10.68
CA GLU D 46 -6.32 -8.61 9.34
C GLU D 46 -5.37 -9.78 9.13
N SER D 47 -5.16 -10.60 10.15
CA SER D 47 -4.21 -11.71 10.08
C SER D 47 -4.75 -12.84 9.19
N PRO D 48 -3.84 -13.62 8.58
CA PRO D 48 -4.27 -14.84 7.87
C PRO D 48 -4.54 -16.02 8.79
N GLU D 49 -4.26 -15.90 10.08
CA GLU D 49 -4.56 -16.96 11.04
C GLU D 49 -5.99 -16.80 11.55
N HIS D 50 -6.61 -17.92 11.91
CA HIS D 50 -7.99 -17.88 12.44
C HIS D 50 -8.06 -17.06 13.71
N CYS D 51 -7.13 -17.31 14.64
CA CYS D 51 -7.07 -16.71 15.97
C CYS D 51 -8.15 -17.29 16.89
N SER D 52 -9.42 -17.08 16.56
CA SER D 52 -10.50 -17.55 17.42
C SER D 52 -11.81 -17.41 16.65
N PRO D 53 -12.83 -18.19 17.03
CA PRO D 53 -14.15 -18.01 16.40
C PRO D 53 -14.71 -16.62 16.57
N HIS D 54 -14.42 -15.96 17.70
CA HIS D 54 -14.85 -14.58 17.88
C HIS D 54 -14.24 -13.68 16.83
N HIS D 55 -12.94 -13.87 16.54
CA HIS D 55 -12.28 -13.13 15.46
C HIS D 55 -12.94 -13.41 14.12
N THR D 56 -13.16 -14.69 13.81
CA THR D 56 -13.76 -15.06 12.53
C THR D 56 -15.14 -14.42 12.37
N ALA D 57 -15.96 -14.46 13.43
CA ALA D 57 -17.29 -13.85 13.36
C ALA D 57 -17.17 -12.33 13.26
N LEU D 58 -16.32 -11.73 14.08
CA LEU D 58 -16.16 -10.27 14.09
C LEU D 58 -15.69 -9.76 12.72
N ARG D 59 -14.81 -10.50 12.05
CA ARG D 59 -14.41 -10.12 10.69
C ARG D 59 -15.62 -9.94 9.78
N GLN D 60 -16.53 -10.92 9.78
CA GLN D 60 -17.65 -10.90 8.84
C GLN D 60 -18.62 -9.77 9.17
N ALA D 61 -18.83 -9.50 10.47
CA ALA D 61 -19.76 -8.45 10.88
C ALA D 61 -19.31 -7.09 10.37
N ILE D 62 -18.02 -6.77 10.55
CA ILE D 62 -17.49 -5.49 10.07
C ILE D 62 -17.72 -5.35 8.57
N LEU D 63 -17.32 -6.37 7.80
CA LEU D 63 -17.51 -6.33 6.36
C LEU D 63 -18.98 -6.21 6.00
N CYS D 64 -19.84 -6.97 6.69
CA CYS D 64 -21.27 -6.87 6.44
C CYS D 64 -21.78 -5.45 6.70
N TRP D 65 -21.41 -4.87 7.84
CA TRP D 65 -21.83 -3.50 8.14
C TRP D 65 -21.41 -2.52 7.05
N GLY D 66 -20.21 -2.70 6.49
CA GLY D 66 -19.82 -1.87 5.35
C GLY D 66 -20.78 -1.99 4.18
N ASP D 67 -21.18 -3.22 3.83
CA ASP D 67 -22.16 -3.42 2.76
C ASP D 67 -23.50 -2.75 3.10
N LEU D 68 -23.97 -2.89 4.34
CA LEU D 68 -25.22 -2.25 4.72
C LEU D 68 -25.13 -0.73 4.63
N MET D 69 -23.96 -0.17 4.93
CA MET D 69 -23.77 1.28 4.83
C MET D 69 -23.85 1.76 3.37
N THR D 70 -23.22 1.02 2.45
CA THR D 70 -23.31 1.36 1.05
C THR D 70 -24.76 1.39 0.57
N LEU D 71 -25.59 0.47 1.08
CA LEU D 71 -26.97 0.34 0.58
C LEU D 71 -27.83 1.55 0.96
N ALA D 72 -27.77 1.99 2.22
CA ALA D 72 -28.56 3.16 2.57
C ALA D 72 -28.04 4.41 1.86
N THR D 73 -26.72 4.56 1.78
CA THR D 73 -26.11 5.70 1.13
C THR D 73 -24.90 5.29 0.28
N VAL D 89 -35.97 5.44 6.41
CA VAL D 89 -34.72 4.70 6.36
C VAL D 89 -33.93 4.90 7.65
N SER D 90 -34.06 6.10 8.24
CA SER D 90 -33.38 6.38 9.50
C SER D 90 -33.85 5.42 10.60
N TYR D 91 -35.16 5.13 10.65
CA TYR D 91 -35.67 4.15 11.60
C TYR D 91 -35.07 2.77 11.32
N VAL D 92 -34.94 2.42 10.04
CA VAL D 92 -34.32 1.15 9.68
C VAL D 92 -32.87 1.12 10.15
N ASN D 93 -32.18 2.25 10.04
CA ASN D 93 -30.81 2.35 10.52
C ASN D 93 -30.75 2.09 12.02
N THR D 94 -31.83 2.41 12.74
CA THR D 94 -31.87 2.14 14.18
C THR D 94 -32.06 0.66 14.43
N ASN D 95 -32.78 -0.02 13.52
CA ASN D 95 -33.10 -1.44 13.70
C ASN D 95 -31.89 -2.30 13.34
N VAL D 96 -31.39 -2.19 12.11
CA VAL D 96 -30.20 -2.95 11.73
C VAL D 96 -29.00 -2.45 12.54
N GLY D 97 -28.95 -1.14 12.81
CA GLY D 97 -27.85 -0.59 13.59
C GLY D 97 -27.78 -1.20 14.97
N LEU D 98 -28.94 -1.35 15.64
CA LEU D 98 -28.95 -1.98 16.95
C LEU D 98 -28.45 -3.42 16.88
N LYS D 99 -28.86 -4.16 15.84
CA LYS D 99 -28.43 -5.55 15.70
C LYS D 99 -26.91 -5.65 15.69
N PHE D 100 -26.26 -4.80 14.89
CA PHE D 100 -24.81 -4.81 14.79
C PHE D 100 -24.11 -4.11 15.94
N ARG D 101 -24.80 -3.19 16.63
CA ARG D 101 -24.24 -2.64 17.86
C ARG D 101 -24.15 -3.71 18.95
N GLN D 102 -25.15 -4.59 19.02
CA GLN D 102 -25.09 -5.71 19.97
C GLN D 102 -23.99 -6.68 19.60
N LEU D 103 -23.92 -7.03 18.32
CA LEU D 103 -22.98 -8.05 17.85
C LEU D 103 -21.54 -7.57 18.00
N LEU D 104 -21.24 -6.36 17.51
CA LEU D 104 -19.88 -5.85 17.64
C LEU D 104 -19.48 -5.70 19.11
N TRP D 105 -20.40 -5.25 19.96
CA TRP D 105 -20.09 -5.14 21.39
C TRP D 105 -19.90 -6.52 22.01
N PHE D 106 -20.76 -7.47 21.68
CA PHE D 106 -20.63 -8.80 22.27
C PHE D 106 -19.27 -9.42 21.97
N HIS D 107 -18.86 -9.41 20.70
CA HIS D 107 -17.63 -10.11 20.32
C HIS D 107 -16.39 -9.38 20.84
N ILE D 108 -16.37 -8.05 20.75
CA ILE D 108 -15.22 -7.30 21.27
C ILE D 108 -15.09 -7.50 22.77
N SER D 109 -16.21 -7.42 23.52
CA SER D 109 -16.17 -7.60 24.97
C SER D 109 -15.74 -8.99 25.36
N CYS D 110 -16.25 -10.01 24.67
CA CYS D 110 -15.86 -11.39 24.97
C CYS D 110 -14.36 -11.59 24.73
N LEU D 111 -13.83 -11.01 23.65
CA LEU D 111 -12.41 -11.10 23.38
C LEU D 111 -11.59 -10.48 24.50
N THR D 112 -12.07 -9.39 25.09
CA THR D 112 -11.33 -8.71 26.16
C THR D 112 -11.48 -9.41 27.50
N PHE D 113 -12.72 -9.77 27.88
CA PHE D 113 -13.02 -10.19 29.25
C PHE D 113 -13.45 -11.64 29.39
N GLY D 114 -13.81 -12.31 28.30
CA GLY D 114 -14.26 -13.69 28.43
C GLY D 114 -15.76 -13.79 28.45
N ARG D 115 -16.27 -14.92 27.95
CA ARG D 115 -17.72 -15.07 27.75
C ARG D 115 -18.48 -15.10 29.07
N GLU D 116 -18.00 -15.85 30.06
CA GLU D 116 -18.69 -15.88 31.34
C GLU D 116 -18.77 -14.48 31.95
N THR D 117 -17.64 -13.77 31.96
CA THR D 117 -17.62 -12.41 32.51
C THR D 117 -18.58 -11.49 31.76
N VAL D 118 -18.63 -11.60 30.43
CA VAL D 118 -19.50 -10.72 29.66
C VAL D 118 -20.97 -11.02 29.98
N LEU D 119 -21.30 -12.28 30.20
CA LEU D 119 -22.70 -12.67 30.38
C LEU D 119 -23.21 -12.29 31.77
N GLU D 120 -22.43 -12.54 32.82
CA GLU D 120 -22.85 -12.11 34.15
C GLU D 120 -23.04 -10.60 34.19
N TYR D 121 -22.13 -9.85 33.56
CA TYR D 121 -22.28 -8.40 33.52
C TYR D 121 -23.57 -8.01 32.82
N LEU D 122 -23.93 -8.74 31.76
CA LEU D 122 -25.10 -8.38 30.97
C LEU D 122 -26.37 -8.48 31.80
N VAL D 123 -26.50 -9.55 32.59
CA VAL D 123 -27.70 -9.74 33.39
C VAL D 123 -27.70 -8.78 34.57
N SER D 124 -26.54 -8.63 35.23
CA SER D 124 -26.46 -7.68 36.34
C SER D 124 -26.85 -6.29 35.89
N PHE D 125 -26.30 -5.83 34.76
CA PHE D 125 -26.67 -4.51 34.26
C PHE D 125 -28.13 -4.46 33.84
N GLY D 126 -28.63 -5.53 33.21
CA GLY D 126 -30.01 -5.51 32.74
C GLY D 126 -31.01 -5.41 33.86
N VAL D 127 -30.73 -6.10 34.98
CA VAL D 127 -31.57 -5.97 36.16
C VAL D 127 -31.41 -4.59 36.79
N TRP D 128 -30.18 -4.08 36.83
CA TRP D 128 -29.88 -2.80 37.48
C TRP D 128 -30.58 -1.64 36.78
N ILE D 129 -30.45 -1.58 35.45
CA ILE D 129 -31.01 -0.46 34.70
C ILE D 129 -32.53 -0.50 34.72
N ARG D 130 -33.12 -1.67 35.01
CA ARG D 130 -34.57 -1.82 35.10
C ARG D 130 -35.11 -1.39 36.46
N THR D 131 -34.25 -1.18 37.44
CA THR D 131 -34.69 -0.68 38.74
C THR D 131 -35.02 0.81 38.62
N PRO D 132 -36.16 1.26 39.13
CA PRO D 132 -36.47 2.68 39.05
C PRO D 132 -35.42 3.51 39.75
N PRO D 133 -35.26 4.77 39.36
CA PRO D 133 -34.17 5.59 39.93
C PRO D 133 -34.21 5.73 41.45
N ALA D 134 -35.39 5.63 42.07
CA ALA D 134 -35.49 5.80 43.51
C ALA D 134 -34.78 4.68 44.28
N ALA D 135 -34.69 3.49 43.70
CA ALA D 135 -34.18 2.32 44.41
C ALA D 135 -32.86 1.79 43.91
N ARG D 136 -32.43 2.15 42.67
CA ARG D 136 -31.26 1.46 42.15
C ARG D 136 -29.97 2.09 42.67
N PRO D 137 -28.98 1.26 42.96
CA PRO D 137 -27.73 1.79 43.52
C PRO D 137 -27.10 2.81 42.60
N PRO D 138 -26.36 3.77 43.17
CA PRO D 138 -25.80 4.83 42.32
C PRO D 138 -24.78 4.32 41.31
N ASN D 139 -23.98 3.31 41.67
CA ASN D 139 -22.95 2.78 40.79
C ASN D 139 -23.43 1.47 40.15
N ALA D 140 -23.50 1.46 38.82
CA ALA D 140 -23.90 0.29 38.06
C ALA D 140 -22.87 -0.82 38.15
N PRO D 141 -23.24 -2.05 37.79
CA PRO D 141 -22.25 -3.12 37.68
C PRO D 141 -21.23 -2.80 36.59
N ILE D 142 -20.01 -3.30 36.78
CA ILE D 142 -18.93 -3.02 35.84
C ILE D 142 -18.28 -4.32 35.38
N LEU D 143 -17.57 -4.21 34.27
CA LEU D 143 -16.83 -5.32 33.69
C LEU D 143 -15.44 -5.33 34.29
N SER D 144 -14.89 -6.51 34.53
CA SER D 144 -13.57 -6.54 35.15
C SER D 144 -12.91 -7.88 34.89
N THR D 145 -11.58 -7.87 34.97
CA THR D 145 -10.76 -9.04 34.72
C THR D 145 -9.84 -9.33 35.91
N SER E 3 7.47 9.35 -2.64
CA SER E 3 7.55 10.02 -1.35
C SER E 3 7.54 9.00 -0.21
N MET E 4 7.93 9.44 0.98
CA MET E 4 8.01 8.59 2.15
C MET E 4 6.71 8.58 2.96
N ASP E 5 6.66 7.65 3.91
CA ASP E 5 5.51 7.47 4.79
C ASP E 5 6.09 7.27 6.19
N ILE E 6 6.28 8.39 6.90
CA ILE E 6 6.92 8.38 8.21
C ILE E 6 5.86 8.54 9.28
N ASP E 7 5.89 7.67 10.28
CA ASP E 7 4.99 7.77 11.42
C ASP E 7 5.76 8.32 12.61
N PRO E 8 5.43 9.51 13.11
CA PRO E 8 6.18 10.05 14.25
C PRO E 8 6.10 9.17 15.49
N TYR E 9 5.07 8.33 15.62
CA TYR E 9 4.89 7.51 16.81
C TYR E 9 5.47 6.12 16.69
N LYS E 10 5.93 5.74 15.49
CA LYS E 10 6.30 4.36 15.24
C LYS E 10 7.55 3.94 16.01
N GLU E 11 8.58 4.78 16.02
CA GLU E 11 9.78 4.45 16.80
C GLU E 11 9.48 4.44 18.29
N PHE E 12 8.38 5.06 18.72
CA PHE E 12 7.99 5.07 20.13
C PHE E 12 6.94 4.02 20.45
N GLY E 13 6.68 3.09 19.54
CA GLY E 13 5.80 1.98 19.86
C GLY E 13 4.32 2.31 19.83
N ALA E 14 3.92 3.28 19.02
CA ALA E 14 2.51 3.64 18.88
C ALA E 14 2.26 3.99 17.42
N THR E 15 1.09 4.53 17.13
CA THR E 15 0.72 4.91 15.78
C THR E 15 -0.14 6.15 15.84
N VAL E 16 -0.26 6.81 14.68
CA VAL E 16 -1.18 7.93 14.55
C VAL E 16 -2.61 7.47 14.82
N GLU E 17 -2.97 6.29 14.30
CA GLU E 17 -4.32 5.77 14.51
C GLU E 17 -4.61 5.59 15.98
N LEU E 18 -3.60 5.16 16.76
CA LEU E 18 -3.82 4.93 18.18
C LEU E 18 -4.01 6.24 18.92
N LEU E 19 -3.21 7.25 18.61
CA LEU E 19 -3.40 8.55 19.25
C LEU E 19 -4.75 9.16 18.88
N SER E 20 -5.25 8.86 17.68
CA SER E 20 -6.52 9.41 17.27
C SER E 20 -7.69 8.64 17.85
N PHE E 21 -7.43 7.52 18.52
CA PHE E 21 -8.45 6.81 19.28
C PHE E 21 -8.95 7.66 20.45
N LEU E 22 -8.15 8.60 20.93
CA LEU E 22 -8.55 9.57 21.95
C LEU E 22 -9.31 10.72 21.29
N PRO E 23 -10.46 11.12 21.82
CA PRO E 23 -11.25 12.16 21.16
C PRO E 23 -10.53 13.50 21.21
N SER E 24 -10.93 14.37 20.28
CA SER E 24 -10.24 15.65 20.12
C SER E 24 -10.34 16.51 21.37
N ASP E 25 -11.44 16.43 22.12
CA ASP E 25 -11.55 17.22 23.34
C ASP E 25 -10.82 16.61 24.54
N PHE E 26 -10.08 15.51 24.36
CA PHE E 26 -9.31 14.98 25.48
C PHE E 26 -8.05 15.80 25.74
N PHE E 27 -7.38 16.25 24.69
CA PHE E 27 -6.04 16.82 24.84
C PHE E 27 -6.10 18.24 25.36
N PRO E 28 -5.20 18.60 26.27
CA PRO E 28 -5.10 20.00 26.71
C PRO E 28 -4.81 20.92 25.53
N SER E 29 -4.83 22.23 25.80
CA SER E 29 -4.53 23.16 24.73
C SER E 29 -3.06 23.05 24.33
N VAL E 30 -2.76 23.57 23.13
CA VAL E 30 -1.37 23.61 22.71
C VAL E 30 -0.57 24.45 23.69
N ARG E 31 -1.14 25.59 24.13
CA ARG E 31 -0.48 26.48 25.07
C ARG E 31 -0.18 25.79 26.39
N ASP E 32 -1.16 25.08 26.94
CA ASP E 32 -0.97 24.47 28.25
C ASP E 32 0.06 23.35 28.21
N LEU E 33 0.23 22.71 27.05
CA LEU E 33 1.21 21.65 26.92
C LEU E 33 2.62 22.21 26.83
N LEU E 34 2.82 23.27 26.04
CA LEU E 34 4.14 23.91 25.99
C LEU E 34 4.54 24.43 27.37
N ASP E 35 3.62 25.07 28.09
CA ASP E 35 3.91 25.57 29.43
C ASP E 35 4.27 24.44 30.38
N THR E 36 3.71 23.25 30.18
CA THR E 36 4.02 22.11 31.04
C THR E 36 5.37 21.51 30.68
N ALA E 37 5.68 21.40 29.38
CA ALA E 37 7.01 20.98 28.96
C ALA E 37 8.09 21.86 29.55
N ALA E 38 7.87 23.18 29.53
CA ALA E 38 8.80 24.11 30.18
C ALA E 38 8.85 23.86 31.69
N ALA E 39 7.69 23.80 32.35
CA ALA E 39 7.67 23.66 33.80
C ALA E 39 8.30 22.37 34.27
N LEU E 40 8.17 21.29 33.49
CA LEU E 40 8.69 19.98 33.88
C LEU E 40 10.07 19.69 33.33
N TYR E 41 10.38 20.14 32.10
CA TYR E 41 11.56 19.63 31.40
C TYR E 41 12.39 20.72 30.73
N ARG E 42 12.22 21.98 31.10
CA ARG E 42 12.95 23.07 30.44
C ARG E 42 14.45 22.84 30.47
N ASP E 43 14.99 22.44 31.63
CA ASP E 43 16.43 22.28 31.75
C ASP E 43 16.96 21.20 30.81
N ALA E 44 16.22 20.10 30.65
CA ALA E 44 16.67 19.04 29.75
C ALA E 44 16.44 19.41 28.30
N LEU E 45 15.27 20.00 28.00
CA LEU E 45 14.99 20.41 26.63
C LEU E 45 16.08 21.34 26.08
N GLU E 46 16.65 22.19 26.95
CA GLU E 46 17.70 23.12 26.56
C GLU E 46 19.10 22.55 26.72
N SER E 47 19.23 21.32 27.20
CA SER E 47 20.53 20.73 27.46
C SER E 47 21.26 20.38 26.16
N PRO E 48 22.60 20.37 26.20
CA PRO E 48 23.37 19.86 25.05
C PRO E 48 23.44 18.34 24.99
N GLU E 49 22.91 17.64 25.97
CA GLU E 49 22.84 16.19 25.95
C GLU E 49 21.56 15.73 25.26
N HIS E 50 21.63 14.55 24.64
CA HIS E 50 20.45 14.00 23.97
C HIS E 50 19.31 13.78 24.95
N CYS E 51 19.63 13.20 26.12
CA CYS E 51 18.69 12.80 27.18
C CYS E 51 17.93 11.53 26.82
N SER E 52 17.10 11.58 25.78
CA SER E 52 16.30 10.43 25.36
C SER E 52 15.67 10.74 24.01
N PRO E 53 15.28 9.72 23.26
CA PRO E 53 14.55 9.97 22.01
C PRO E 53 13.26 10.76 22.21
N HIS E 54 12.60 10.62 23.36
CA HIS E 54 11.44 11.46 23.64
C HIS E 54 11.83 12.93 23.72
N HIS E 55 12.95 13.23 24.40
CA HIS E 55 13.46 14.60 24.46
C HIS E 55 13.79 15.14 23.08
N THR E 56 14.47 14.32 22.25
CA THR E 56 14.87 14.76 20.92
C THR E 56 13.67 15.15 20.07
N ALA E 57 12.61 14.33 20.11
CA ALA E 57 11.40 14.61 19.35
C ALA E 57 10.67 15.84 19.91
N LEU E 58 10.54 15.91 21.23
CA LEU E 58 9.83 17.03 21.85
C LEU E 58 10.48 18.36 21.50
N ARG E 59 11.82 18.41 21.46
CA ARG E 59 12.52 19.61 21.00
C ARG E 59 12.05 20.05 19.61
N GLN E 60 12.01 19.11 18.66
CA GLN E 60 11.64 19.47 17.29
C GLN E 60 10.17 19.84 17.19
N ALA E 61 9.31 19.16 17.94
CA ALA E 61 7.88 19.46 17.91
C ALA E 61 7.61 20.87 18.39
N ILE E 62 8.20 21.27 19.52
CA ILE E 62 8.04 22.63 20.02
C ILE E 62 8.49 23.63 18.99
N LEU E 63 9.69 23.44 18.44
CA LEU E 63 10.23 24.35 17.44
C LEU E 63 9.32 24.42 16.22
N CYS E 64 8.85 23.26 15.75
CA CYS E 64 7.96 23.20 14.61
C CYS E 64 6.68 23.99 14.85
N TRP E 65 6.05 23.80 16.02
CA TRP E 65 4.86 24.58 16.34
C TRP E 65 5.15 26.08 16.31
N GLY E 66 6.34 26.50 16.71
CA GLY E 66 6.72 27.89 16.54
C GLY E 66 6.69 28.33 15.08
N ASP E 67 7.31 27.53 14.20
CA ASP E 67 7.29 27.86 12.78
C ASP E 67 5.86 27.91 12.24
N LEU E 68 5.04 26.91 12.59
CA LEU E 68 3.66 26.88 12.12
C LEU E 68 2.86 28.07 12.65
N MET E 69 3.11 28.47 13.92
CA MET E 69 2.36 29.57 14.51
C MET E 69 2.67 30.90 13.86
N THR E 70 3.94 31.18 13.55
CA THR E 70 4.26 32.43 12.87
C THR E 70 3.49 32.56 11.56
N LEU E 71 3.34 31.44 10.86
CA LEU E 71 2.66 31.46 9.55
C LEU E 71 1.17 31.72 9.69
N ALA E 72 0.50 31.05 10.63
CA ALA E 72 -0.94 31.23 10.81
C ALA E 72 -1.28 32.64 11.27
N THR E 73 -0.44 33.22 12.13
CA THR E 73 -0.71 34.58 12.60
C THR E 73 -0.34 35.62 11.56
N TRP E 74 0.43 35.23 10.55
CA TRP E 74 0.73 36.09 9.42
C TRP E 74 -0.54 36.33 8.59
N ARG E 85 -10.84 34.85 8.33
CA ARG E 85 -9.99 34.86 9.52
C ARG E 85 -10.41 33.77 10.51
N ASP E 86 -11.73 33.69 10.76
CA ASP E 86 -12.25 32.63 11.61
C ASP E 86 -12.15 31.27 10.95
N LEU E 87 -12.05 31.23 9.61
CA LEU E 87 -11.89 29.95 8.91
C LEU E 87 -10.45 29.45 8.95
N VAL E 88 -9.48 30.35 8.94
CA VAL E 88 -8.08 29.95 9.06
C VAL E 88 -7.81 29.40 10.46
N VAL E 89 -8.38 30.06 11.48
CA VAL E 89 -8.19 29.59 12.85
C VAL E 89 -8.93 28.27 13.07
N SER E 90 -10.12 28.13 12.47
CA SER E 90 -10.84 26.86 12.58
C SER E 90 -10.05 25.73 11.93
N TYR E 91 -9.44 26.00 10.77
CA TYR E 91 -8.62 24.97 10.12
C TYR E 91 -7.41 24.59 10.96
N VAL E 92 -6.72 25.59 11.53
CA VAL E 92 -5.51 25.31 12.30
C VAL E 92 -5.84 24.50 13.56
N ASN E 93 -6.87 24.91 14.30
CA ASN E 93 -7.23 24.17 15.50
C ASN E 93 -7.71 22.76 15.18
N THR E 94 -8.34 22.57 14.02
CA THR E 94 -8.91 21.27 13.68
C THR E 94 -7.82 20.29 13.21
N ASN E 95 -7.02 20.67 12.23
CA ASN E 95 -6.04 19.74 11.66
C ASN E 95 -4.68 19.79 12.34
N VAL E 96 -3.94 20.89 12.16
CA VAL E 96 -2.58 20.96 12.71
C VAL E 96 -2.61 21.07 14.23
N GLY E 97 -3.58 21.79 14.78
CA GLY E 97 -3.61 21.97 16.22
C GLY E 97 -3.75 20.65 16.96
N LEU E 98 -4.69 19.81 16.51
CA LEU E 98 -4.85 18.49 17.12
C LEU E 98 -3.60 17.66 16.95
N LYS E 99 -2.96 17.75 15.78
CA LYS E 99 -1.77 16.96 15.49
C LYS E 99 -0.71 17.17 16.56
N PHE E 100 -0.43 18.42 16.90
CA PHE E 100 0.60 18.70 17.89
C PHE E 100 0.10 18.55 19.33
N ARG E 101 -1.21 18.70 19.56
CA ARG E 101 -1.75 18.40 20.88
C ARG E 101 -1.61 16.91 21.21
N GLN E 102 -1.82 16.03 20.22
CA GLN E 102 -1.55 14.61 20.44
C GLN E 102 -0.07 14.35 20.67
N LEU E 103 0.77 14.95 19.83
CA LEU E 103 2.22 14.70 19.90
C LEU E 103 2.81 15.24 21.19
N LEU E 104 2.53 16.50 21.54
CA LEU E 104 3.06 17.07 22.77
C LEU E 104 2.57 16.31 23.99
N TRP E 105 1.29 15.89 23.98
CA TRP E 105 0.75 15.10 25.08
C TRP E 105 1.40 13.72 25.15
N PHE E 106 1.58 13.06 24.01
CA PHE E 106 2.20 11.73 24.00
C PHE E 106 3.58 11.77 24.63
N HIS E 107 4.44 12.68 24.17
CA HIS E 107 5.82 12.67 24.63
C HIS E 107 5.97 13.16 26.08
N ILE E 108 5.25 14.21 26.47
CA ILE E 108 5.34 14.68 27.85
C ILE E 108 4.86 13.60 28.81
N SER E 109 3.75 12.93 28.47
CA SER E 109 3.23 11.86 29.33
C SER E 109 4.17 10.67 29.38
N CYS E 110 4.73 10.27 28.22
CA CYS E 110 5.69 9.17 28.22
C CYS E 110 6.89 9.47 29.09
N LEU E 111 7.41 10.72 29.02
CA LEU E 111 8.53 11.09 29.87
C LEU E 111 8.18 10.98 31.35
N THR E 112 6.94 11.33 31.72
CA THR E 112 6.50 11.31 33.11
C THR E 112 6.13 9.91 33.60
N PHE E 113 5.35 9.16 32.82
CA PHE E 113 4.75 7.92 33.31
C PHE E 113 5.25 6.66 32.64
N GLY E 114 5.94 6.76 31.52
CA GLY E 114 6.39 5.56 30.86
C GLY E 114 5.47 5.18 29.70
N ARG E 115 6.06 4.52 28.70
CA ARG E 115 5.33 4.27 27.46
C ARG E 115 4.19 3.29 27.69
N GLU E 116 4.45 2.18 28.40
CA GLU E 116 3.41 1.19 28.66
C GLU E 116 2.24 1.82 29.42
N THR E 117 2.53 2.55 30.50
CA THR E 117 1.48 3.21 31.26
C THR E 117 0.66 4.14 30.37
N VAL E 118 1.32 4.89 29.49
CA VAL E 118 0.59 5.82 28.62
C VAL E 118 -0.31 5.05 27.67
N LEU E 119 0.17 3.92 27.14
CA LEU E 119 -0.60 3.20 26.13
C LEU E 119 -1.78 2.47 26.74
N GLU E 120 -1.57 1.81 27.88
CA GLU E 120 -2.69 1.18 28.57
C GLU E 120 -3.74 2.22 28.96
N TYR E 121 -3.31 3.37 29.49
CA TYR E 121 -4.27 4.39 29.85
C TYR E 121 -5.06 4.86 28.63
N LEU E 122 -4.38 4.96 27.48
CA LEU E 122 -5.02 5.46 26.27
C LEU E 122 -6.15 4.55 25.84
N VAL E 123 -5.94 3.24 25.89
CA VAL E 123 -6.97 2.31 25.46
C VAL E 123 -8.12 2.30 26.45
N SER E 124 -7.80 2.29 27.76
CA SER E 124 -8.84 2.31 28.79
C SER E 124 -9.71 3.55 28.66
N PHE E 125 -9.10 4.73 28.53
CA PHE E 125 -9.89 5.94 28.36
C PHE E 125 -10.66 5.91 27.05
N GLY E 126 -10.03 5.39 25.99
CA GLY E 126 -10.69 5.37 24.69
C GLY E 126 -11.95 4.52 24.70
N VAL E 127 -11.90 3.39 25.38
CA VAL E 127 -13.10 2.56 25.57
C VAL E 127 -14.07 3.20 26.54
N TRP E 128 -13.54 3.78 27.64
CA TRP E 128 -14.40 4.34 28.69
C TRP E 128 -15.24 5.49 28.16
N ILE E 129 -14.62 6.43 27.47
CA ILE E 129 -15.35 7.61 26.99
C ILE E 129 -16.33 7.23 25.89
N ARG E 130 -16.13 6.09 25.25
CA ARG E 130 -17.03 5.61 24.20
C ARG E 130 -18.24 4.90 24.78
N THR E 131 -18.23 4.60 26.08
CA THR E 131 -19.38 3.99 26.72
C THR E 131 -20.48 5.03 26.93
N PRO E 132 -21.73 4.72 26.59
CA PRO E 132 -22.81 5.67 26.83
C PRO E 132 -22.92 6.00 28.31
N PRO E 133 -23.45 7.17 28.65
CA PRO E 133 -23.51 7.58 30.06
C PRO E 133 -24.30 6.65 30.96
N ALA E 134 -25.27 5.91 30.40
CA ALA E 134 -26.10 5.05 31.23
C ALA E 134 -25.29 3.93 31.88
N ALA E 135 -24.23 3.49 31.21
CA ALA E 135 -23.46 2.33 31.64
C ALA E 135 -22.04 2.66 32.07
N ARG E 136 -21.54 3.85 31.78
CA ARG E 136 -20.14 4.16 31.95
C ARG E 136 -19.81 4.41 33.43
N PRO E 137 -18.73 3.83 33.95
CA PRO E 137 -18.41 4.02 35.36
C PRO E 137 -18.20 5.49 35.69
N PRO E 138 -18.46 5.88 36.92
CA PRO E 138 -18.35 7.30 37.25
C PRO E 138 -16.94 7.84 37.16
N ASN E 139 -15.94 7.05 37.57
CA ASN E 139 -14.56 7.52 37.64
C ASN E 139 -13.76 7.03 36.43
N ALA E 140 -13.21 7.97 35.66
CA ALA E 140 -12.40 7.64 34.50
C ALA E 140 -11.09 6.98 34.90
N PRO E 141 -10.44 6.28 33.96
CA PRO E 141 -9.10 5.77 34.25
C PRO E 141 -8.11 6.92 34.43
N ILE E 142 -7.07 6.66 35.22
CA ILE E 142 -6.06 7.66 35.53
C ILE E 142 -4.69 7.09 35.19
N LEU E 143 -3.72 8.00 35.07
CA LEU E 143 -2.33 7.67 34.81
C LEU E 143 -1.60 7.54 36.14
N SER E 144 -0.70 6.56 36.25
CA SER E 144 0.06 6.39 37.47
C SER E 144 1.28 5.52 37.24
N THR E 145 2.32 5.79 38.03
CA THR E 145 3.46 4.88 38.13
C THR E 145 3.09 3.72 39.05
N SER F 3 9.53 31.94 28.31
CA SER F 3 9.52 30.99 27.20
C SER F 3 10.86 30.27 27.07
N MET F 4 10.87 29.18 26.32
CA MET F 4 12.07 28.36 26.19
C MET F 4 12.92 28.86 25.03
N ASP F 5 14.16 28.37 25.00
CA ASP F 5 15.11 28.73 23.95
C ASP F 5 15.85 27.44 23.59
N ILE F 6 15.29 26.69 22.64
CA ILE F 6 15.81 25.38 22.29
C ILE F 6 16.58 25.51 21.00
N ASP F 7 17.81 25.00 20.99
CA ASP F 7 18.62 25.05 19.80
C ASP F 7 18.60 23.67 19.17
N PRO F 8 18.03 23.51 17.97
CA PRO F 8 17.93 22.16 17.38
C PRO F 8 19.28 21.49 17.16
N TYR F 9 20.36 22.26 17.04
CA TYR F 9 21.67 21.69 16.78
C TYR F 9 22.47 21.45 18.06
N LYS F 10 21.99 21.93 19.21
CA LYS F 10 22.81 21.92 20.42
C LYS F 10 23.04 20.49 20.93
N GLU F 11 22.02 19.64 20.91
CA GLU F 11 22.25 18.26 21.31
C GLU F 11 23.17 17.54 20.34
N PHE F 12 23.35 18.06 19.12
CA PHE F 12 24.24 17.49 18.13
C PHE F 12 25.57 18.22 18.06
N GLY F 13 25.86 19.09 19.03
CA GLY F 13 27.17 19.70 19.12
C GLY F 13 27.42 20.84 18.16
N ALA F 14 26.37 21.52 17.71
CA ALA F 14 26.48 22.67 16.83
C ALA F 14 25.46 23.70 17.27
N THR F 15 25.31 24.77 16.49
CA THR F 15 24.39 25.85 16.86
C THR F 15 23.77 26.41 15.60
N VAL F 16 22.70 27.19 15.78
CA VAL F 16 22.07 27.89 14.66
C VAL F 16 23.05 28.85 14.02
N GLU F 17 23.78 29.62 14.84
CA GLU F 17 24.75 30.56 14.30
C GLU F 17 25.81 29.84 13.49
N LEU F 18 26.19 28.63 13.92
CA LEU F 18 27.22 27.88 13.22
C LEU F 18 26.72 27.41 11.86
N LEU F 19 25.48 26.92 11.80
CA LEU F 19 24.92 26.53 10.50
C LEU F 19 24.77 27.73 9.58
N SER F 20 24.54 28.91 10.15
CA SER F 20 24.35 30.11 9.35
C SER F 20 25.66 30.69 8.85
N PHE F 21 26.79 30.15 9.31
CA PHE F 21 28.08 30.52 8.75
C PHE F 21 28.16 30.11 7.29
N LEU F 22 27.38 29.12 6.88
CA LEU F 22 27.28 28.72 5.48
C LEU F 22 26.30 29.61 4.73
N PRO F 23 26.67 30.12 3.56
CA PRO F 23 25.78 31.05 2.84
C PRO F 23 24.52 30.36 2.34
N SER F 24 23.51 31.18 2.07
CA SER F 24 22.19 30.65 1.71
C SER F 24 22.24 29.83 0.44
N ASP F 25 23.04 30.24 -0.54
CA ASP F 25 23.11 29.50 -1.80
C ASP F 25 24.01 28.28 -1.72
N PHE F 26 24.54 27.94 -0.54
CA PHE F 26 25.28 26.70 -0.42
C PHE F 26 24.35 25.50 -0.37
N PHE F 27 23.23 25.63 0.35
CA PHE F 27 22.39 24.48 0.66
C PHE F 27 21.57 24.05 -0.54
N PRO F 28 21.45 22.75 -0.78
CA PRO F 28 20.55 22.26 -1.82
C PRO F 28 19.11 22.69 -1.59
N SER F 29 18.26 22.40 -2.58
CA SER F 29 16.85 22.71 -2.47
C SER F 29 16.19 21.83 -1.40
N VAL F 30 15.00 22.25 -0.96
CA VAL F 30 14.24 21.39 -0.04
C VAL F 30 13.86 20.09 -0.71
N ARG F 31 13.41 20.15 -1.97
CA ARG F 31 13.02 18.95 -2.69
C ARG F 31 14.19 17.97 -2.84
N ASP F 32 15.37 18.48 -3.21
CA ASP F 32 16.49 17.59 -3.46
C ASP F 32 16.99 16.92 -2.19
N LEU F 33 16.82 17.58 -1.03
CA LEU F 33 17.24 16.99 0.23
C LEU F 33 16.28 15.90 0.68
N LEU F 34 14.97 16.15 0.55
CA LEU F 34 13.99 15.11 0.87
C LEU F 34 14.18 13.90 -0.05
N ASP F 35 14.41 14.14 -1.34
CA ASP F 35 14.65 13.04 -2.27
C ASP F 35 15.89 12.24 -1.88
N THR F 36 16.88 12.91 -1.29
CA THR F 36 18.10 12.24 -0.87
C THR F 36 17.89 11.49 0.45
N ALA F 37 17.15 12.08 1.38
CA ALA F 37 16.80 11.37 2.62
C ALA F 37 16.08 10.06 2.31
N ALA F 38 15.13 10.09 1.38
CA ALA F 38 14.47 8.85 0.93
C ALA F 38 15.48 7.91 0.26
N ALA F 39 16.25 8.44 -0.69
CA ALA F 39 17.17 7.61 -1.47
C ALA F 39 18.21 6.93 -0.58
N LEU F 40 18.60 7.59 0.51
CA LEU F 40 19.64 7.08 1.38
C LEU F 40 19.11 6.30 2.58
N TYR F 41 17.99 6.73 3.16
CA TYR F 41 17.62 6.27 4.49
C TYR F 41 16.15 5.88 4.62
N ARG F 42 15.44 5.62 3.51
CA ARG F 42 14.01 5.39 3.61
C ARG F 42 13.70 4.26 4.60
N ASP F 43 14.39 3.13 4.46
CA ASP F 43 14.09 1.97 5.30
C ASP F 43 14.21 2.31 6.78
N ALA F 44 15.26 3.05 7.16
CA ALA F 44 15.47 3.40 8.57
C ALA F 44 14.55 4.53 9.02
N LEU F 45 14.38 5.57 8.19
CA LEU F 45 13.48 6.67 8.54
C LEU F 45 12.07 6.16 8.82
N GLU F 46 11.62 5.13 8.11
CA GLU F 46 10.31 4.54 8.29
C GLU F 46 10.30 3.37 9.28
N SER F 47 11.47 3.00 9.80
CA SER F 47 11.59 1.85 10.66
C SER F 47 10.99 2.12 12.04
N PRO F 48 10.57 1.07 12.76
CA PRO F 48 10.15 1.24 14.16
C PRO F 48 11.29 1.35 15.15
N GLU F 49 12.55 1.22 14.72
CA GLU F 49 13.68 1.42 15.61
C GLU F 49 14.10 2.89 15.61
N HIS F 50 14.62 3.34 16.75
CA HIS F 50 15.13 4.71 16.85
C HIS F 50 16.27 4.95 15.88
N CYS F 51 17.19 3.99 15.80
CA CYS F 51 18.39 4.05 14.97
C CYS F 51 19.43 5.00 15.54
N SER F 52 19.11 6.30 15.63
CA SER F 52 20.06 7.29 16.10
C SER F 52 19.31 8.59 16.35
N PRO F 53 19.85 9.46 17.22
CA PRO F 53 19.23 10.78 17.41
C PRO F 53 19.13 11.60 16.14
N HIS F 54 20.07 11.42 15.20
CA HIS F 54 19.91 12.06 13.90
C HIS F 54 18.65 11.56 13.21
N HIS F 55 18.42 10.23 13.23
CA HIS F 55 17.22 9.65 12.65
C HIS F 55 15.95 10.19 13.29
N THR F 56 15.90 10.26 14.63
CA THR F 56 14.73 10.78 15.32
C THR F 56 14.47 12.22 14.92
N ALA F 57 15.52 13.04 14.89
CA ALA F 57 15.37 14.43 14.51
C ALA F 57 14.97 14.57 13.05
N LEU F 58 15.64 13.82 12.17
CA LEU F 58 15.36 13.92 10.75
C LEU F 58 13.92 13.57 10.44
N ARG F 59 13.36 12.56 11.12
CA ARG F 59 11.95 12.23 10.95
C ARG F 59 11.05 13.44 11.20
N GLN F 60 11.27 14.14 12.32
CA GLN F 60 10.37 15.23 12.70
C GLN F 60 10.47 16.40 11.72
N ALA F 61 11.69 16.66 11.21
CA ALA F 61 11.89 17.76 10.26
C ALA F 61 11.12 17.53 8.97
N ILE F 62 11.23 16.32 8.42
CA ILE F 62 10.49 15.99 7.21
C ILE F 62 8.99 16.18 7.46
N LEU F 63 8.49 15.60 8.55
CA LEU F 63 7.08 15.72 8.85
C LEU F 63 6.67 17.18 9.04
N CYS F 64 7.49 17.96 9.77
CA CYS F 64 7.17 19.36 10.00
C CYS F 64 7.06 20.13 8.69
N TRP F 65 8.04 19.94 7.80
CA TRP F 65 7.93 20.56 6.48
C TRP F 65 6.66 20.13 5.77
N GLY F 66 6.25 18.87 5.97
CA GLY F 66 4.95 18.44 5.49
C GLY F 66 3.82 19.26 6.07
N ASP F 67 3.85 19.47 7.39
CA ASP F 67 2.84 20.31 8.04
C ASP F 67 2.89 21.74 7.52
N LEU F 68 4.10 22.30 7.41
CA LEU F 68 4.23 23.67 6.91
C LEU F 68 3.72 23.78 5.48
N MET F 69 3.97 22.77 4.65
CA MET F 69 3.54 22.83 3.26
C MET F 69 2.02 22.69 3.17
N THR F 70 1.43 21.75 3.92
CA THR F 70 -0.02 21.56 3.88
C THR F 70 -0.76 22.81 4.33
N LEU F 71 -0.24 23.53 5.34
CA LEU F 71 -0.94 24.72 5.83
C LEU F 71 -0.89 25.84 4.80
N ALA F 72 0.27 26.07 4.21
CA ALA F 72 0.41 27.10 3.17
C ALA F 72 -0.38 26.74 1.91
N THR F 73 -0.43 25.44 1.57
CA THR F 73 -1.15 25.02 0.37
C THR F 73 -2.65 25.07 0.57
N TRP F 74 -3.13 24.68 1.76
CA TRP F 74 -4.54 24.81 2.06
C TRP F 74 -5.00 26.26 1.99
N VAL F 75 -4.10 27.21 2.24
CA VAL F 75 -4.45 28.62 2.12
C VAL F 75 -4.70 29.00 0.66
N GLY F 76 -3.73 28.72 -0.22
CA GLY F 76 -3.90 29.06 -1.61
C GLY F 76 -5.02 28.28 -2.28
N THR F 77 -5.09 26.97 -2.01
CA THR F 77 -6.10 26.14 -2.66
C THR F 77 -7.52 26.51 -2.24
N ASN F 78 -7.68 27.10 -1.04
CA ASN F 78 -9.00 27.42 -0.52
C ASN F 78 -9.17 28.91 -0.19
N LEU F 79 -8.20 29.75 -0.54
CA LEU F 79 -8.31 31.20 -0.33
C LEU F 79 -7.25 31.96 -1.12
N ASP F 86 0.38 34.44 -3.07
CA ASP F 86 1.62 34.63 -3.81
C ASP F 86 2.75 35.15 -2.90
N LEU F 87 2.42 36.15 -2.07
CA LEU F 87 3.39 36.62 -1.07
C LEU F 87 3.72 35.55 -0.04
N VAL F 88 2.87 34.53 0.09
CA VAL F 88 3.15 33.42 1.01
C VAL F 88 4.32 32.58 0.50
N VAL F 89 4.52 32.55 -0.82
CA VAL F 89 5.69 31.87 -1.36
C VAL F 89 6.96 32.67 -1.06
N SER F 90 6.86 34.00 -1.11
CA SER F 90 8.00 34.85 -0.76
C SER F 90 8.38 34.69 0.71
N TYR F 91 7.38 34.66 1.60
CA TYR F 91 7.67 34.49 3.03
C TYR F 91 8.32 33.14 3.31
N VAL F 92 7.78 32.08 2.70
CA VAL F 92 8.33 30.74 2.92
C VAL F 92 9.75 30.62 2.38
N ASN F 93 10.00 31.18 1.19
CA ASN F 93 11.35 31.10 0.63
C ASN F 93 12.36 31.87 1.47
N THR F 94 11.96 32.98 2.07
CA THR F 94 12.91 33.76 2.85
C THR F 94 13.15 33.18 4.23
N ASN F 95 12.08 32.95 4.99
CA ASN F 95 12.20 32.54 6.39
C ASN F 95 12.30 31.03 6.57
N VAL F 96 11.21 30.32 6.28
CA VAL F 96 11.12 28.89 6.60
C VAL F 96 12.03 28.05 5.71
N GLY F 97 12.14 28.40 4.43
CA GLY F 97 12.84 27.52 3.50
C GLY F 97 14.29 27.30 3.89
N LEU F 98 15.01 28.38 4.17
CA LEU F 98 16.41 28.25 4.56
C LEU F 98 16.57 27.47 5.85
N LYS F 99 15.71 27.72 6.84
CA LYS F 99 15.83 27.03 8.12
C LYS F 99 15.84 25.52 7.92
N PHE F 100 14.90 25.02 7.12
CA PHE F 100 14.81 23.58 6.90
C PHE F 100 15.83 23.07 5.89
N ARG F 101 16.33 23.91 5.00
CA ARG F 101 17.44 23.50 4.14
C ARG F 101 18.71 23.24 4.96
N GLN F 102 18.97 24.10 5.96
CA GLN F 102 20.12 23.91 6.84
C GLN F 102 19.97 22.62 7.66
N LEU F 103 18.78 22.43 8.23
CA LEU F 103 18.52 21.30 9.10
C LEU F 103 18.62 19.96 8.37
N LEU F 104 17.95 19.85 7.21
CA LEU F 104 18.01 18.62 6.41
C LEU F 104 19.44 18.35 5.93
N TRP F 105 20.17 19.39 5.56
CA TRP F 105 21.56 19.19 5.12
C TRP F 105 22.43 18.72 6.27
N PHE F 106 22.26 19.32 7.47
CA PHE F 106 23.07 18.96 8.61
C PHE F 106 22.91 17.48 8.97
N HIS F 107 21.66 17.01 9.07
CA HIS F 107 21.42 15.65 9.52
C HIS F 107 21.78 14.61 8.48
N ILE F 108 21.47 14.86 7.20
CA ILE F 108 21.81 13.88 6.17
C ILE F 108 23.34 13.74 6.06
N SER F 109 24.06 14.87 6.11
CA SER F 109 25.52 14.82 6.02
C SER F 109 26.12 14.14 7.25
N CYS F 110 25.62 14.46 8.44
CA CYS F 110 26.11 13.84 9.67
C CYS F 110 25.92 12.32 9.63
N LEU F 111 24.77 11.87 9.14
CA LEU F 111 24.54 10.43 9.01
C LEU F 111 25.56 9.78 8.08
N THR F 112 25.95 10.47 7.01
CA THR F 112 26.86 9.88 6.02
C THR F 112 28.31 9.95 6.48
N PHE F 113 28.76 11.11 6.95
CA PHE F 113 30.18 11.39 7.12
C PHE F 113 30.65 11.49 8.56
N GLY F 114 29.75 11.65 9.50
CA GLY F 114 30.15 11.83 10.89
C GLY F 114 30.14 13.30 11.28
N ARG F 115 29.84 13.56 12.55
CA ARG F 115 29.61 14.94 12.98
C ARG F 115 30.88 15.77 12.93
N GLU F 116 32.00 15.23 13.42
CA GLU F 116 33.25 15.98 13.39
C GLU F 116 33.63 16.38 11.97
N THR F 117 33.58 15.43 11.04
CA THR F 117 33.90 15.72 9.65
C THR F 117 33.00 16.81 9.09
N VAL F 118 31.71 16.78 9.44
CA VAL F 118 30.78 17.79 8.93
C VAL F 118 31.13 19.17 9.46
N LEU F 119 31.55 19.27 10.72
CA LEU F 119 31.78 20.58 11.30
C LEU F 119 33.08 21.19 10.78
N GLU F 120 34.14 20.39 10.69
CA GLU F 120 35.37 20.88 10.09
C GLU F 120 35.12 21.35 8.66
N TYR F 121 34.34 20.60 7.88
CA TYR F 121 34.02 21.02 6.52
C TYR F 121 33.26 22.33 6.50
N LEU F 122 32.33 22.50 7.44
CA LEU F 122 31.49 23.68 7.45
C LEU F 122 32.33 24.94 7.66
N VAL F 123 33.31 24.88 8.55
CA VAL F 123 34.14 26.06 8.80
C VAL F 123 35.10 26.31 7.64
N SER F 124 35.70 25.25 7.09
CA SER F 124 36.60 25.43 5.95
C SER F 124 35.88 26.09 4.78
N PHE F 125 34.70 25.58 4.44
CA PHE F 125 33.96 26.18 3.32
C PHE F 125 33.55 27.61 3.64
N GLY F 126 33.12 27.85 4.88
CA GLY F 126 32.68 29.19 5.26
C GLY F 126 33.81 30.20 5.17
N VAL F 127 35.02 29.78 5.54
CA VAL F 127 36.20 30.62 5.38
C VAL F 127 36.55 30.77 3.90
N TRP F 128 36.50 29.66 3.15
CA TRP F 128 36.90 29.66 1.74
C TRP F 128 36.01 30.56 0.90
N ILE F 129 34.69 30.43 1.07
CA ILE F 129 33.76 31.20 0.25
C ILE F 129 33.83 32.69 0.61
N ARG F 130 34.35 33.01 1.79
CA ARG F 130 34.50 34.38 2.24
C ARG F 130 35.77 35.03 1.72
N THR F 131 36.70 34.25 1.19
CA THR F 131 37.92 34.79 0.59
C THR F 131 37.60 35.39 -0.76
N PRO F 132 38.06 36.60 -1.06
CA PRO F 132 37.78 37.19 -2.37
C PRO F 132 38.32 36.32 -3.48
N PRO F 133 37.71 36.39 -4.68
CA PRO F 133 38.13 35.50 -5.77
C PRO F 133 39.59 35.64 -6.15
N ALA F 134 40.21 36.80 -5.89
CA ALA F 134 41.61 36.99 -6.25
C ALA F 134 42.53 36.06 -5.47
N ALA F 135 42.15 35.68 -4.24
CA ALA F 135 43.03 34.93 -3.36
C ALA F 135 42.59 33.50 -3.08
N ARG F 136 41.29 33.15 -3.31
CA ARG F 136 40.86 31.85 -2.80
C ARG F 136 41.24 30.73 -3.77
N PRO F 137 41.66 29.58 -3.24
CA PRO F 137 42.07 28.48 -4.10
C PRO F 137 40.95 28.07 -5.04
N PRO F 138 41.29 27.56 -6.23
CA PRO F 138 40.23 27.26 -7.21
C PRO F 138 39.25 26.20 -6.75
N ASN F 139 39.71 25.16 -6.06
CA ASN F 139 38.84 24.08 -5.64
C ASN F 139 38.51 24.20 -4.15
N ALA F 140 37.23 24.26 -3.84
CA ALA F 140 36.72 24.38 -2.48
C ALA F 140 37.05 23.14 -1.66
N PRO F 141 36.94 23.23 -0.33
CA PRO F 141 37.10 22.03 0.50
C PRO F 141 36.00 21.03 0.18
N ILE F 142 36.32 19.75 0.39
CA ILE F 142 35.34 18.71 0.10
C ILE F 142 35.09 17.89 1.36
N LEU F 143 33.95 17.24 1.37
CA LEU F 143 33.52 16.39 2.48
C LEU F 143 33.87 14.96 2.16
N SER F 144 34.49 14.25 3.09
CA SER F 144 34.79 12.84 2.83
C SER F 144 35.23 12.18 4.12
N THR F 145 35.31 10.85 4.08
CA THR F 145 35.90 10.08 5.15
C THR F 145 37.33 9.67 4.75
#